data_3KYO
#
_entry.id   3KYO
#
_cell.length_a   58.606
_cell.length_b   85.982
_cell.length_c   111.570
_cell.angle_alpha   90.00
_cell.angle_beta   95.61
_cell.angle_gamma   90.00
#
_symmetry.space_group_name_H-M   'P 1 21 1'
#
loop_
_entity.id
_entity.type
_entity.pdbx_description
1 polymer 'MHC class I antigen'
2 polymer Beta-2-microglobulin
3 polymer 'KLPAQFYIL peptide'
4 non-polymer 'COBALT (II) ION'
5 water water
#
loop_
_entity_poly.entity_id
_entity_poly.type
_entity_poly.pdbx_seq_one_letter_code
_entity_poly.pdbx_strand_id
1 'polypeptide(L)'
;SHSMRYFSAAVSRPGRGEPRFIAMGYVDDTQFVRFDSDSASPRMEPRAPWVEQEGPEYWEEETRNTKAHAQTDRMNLQTL
RGYYNQSEASSHTLQWMIGCDLGSDGRLIRGYERYAYDGKDYLALNEDLRSWTAADTAAQISKRKCEAANVAEQRRAYLE
GTCVEWLHRYLENGKEMLQRADPPKTHVTHHPVFDYEATLRCWALGFYPAEIILTWQRDGEDQTQDVELVETRPAGDGTF
QKWAAVVVPSGEEQRYTCHVQHEGLPEPLMLRW
;
A,C
2 'polypeptide(L)'
;MIQRTPKIQVYSRHPAENGKSNFLNCYVSGFHPSDIEVDLLKNGERIEKVEHSDLSFSKDWSFYLLYYTEFTPTEKDEYA
CRVNHVTLSQPKIVKWDRDM
;
B,D
3 'polypeptide(L)' KLPAQFYIL P,Q
#
loop_
_chem_comp.id
_chem_comp.type
_chem_comp.name
_chem_comp.formula
CO non-polymer 'COBALT (II) ION' 'Co 2'
#
# COMPACT_ATOMS: atom_id res chain seq x y z
N SER A 1 -41.26 1.42 -4.48
CA SER A 1 -40.42 1.75 -5.70
C SER A 1 -38.96 1.27 -5.51
N HIS A 2 -38.36 0.61 -6.53
CA HIS A 2 -37.12 -0.13 -6.32
C HIS A 2 -36.17 -0.04 -7.51
N SER A 3 -34.90 -0.20 -7.19
CA SER A 3 -33.82 -0.02 -8.16
C SER A 3 -32.68 -1.00 -7.96
N MET A 4 -32.04 -1.38 -9.09
CA MET A 4 -30.75 -2.08 -9.02
C MET A 4 -29.73 -1.25 -9.73
N ARG A 5 -28.55 -1.14 -9.14
CA ARG A 5 -27.42 -0.37 -9.69
C ARG A 5 -26.16 -1.17 -9.49
N TYR A 6 -25.31 -1.16 -10.52
CA TYR A 6 -23.91 -1.57 -10.40
C TYR A 6 -23.09 -0.35 -10.59
N PHE A 7 -21.96 -0.31 -9.92
CA PHE A 7 -21.03 0.80 -9.98
C PHE A 7 -19.61 0.25 -10.10
N SER A 8 -18.68 1.01 -10.68
CA SER A 8 -17.30 0.66 -10.66
C SER A 8 -16.46 1.89 -10.71
N ALA A 9 -15.28 1.71 -10.19
CA ALA A 9 -14.24 2.79 -10.21
C ALA A 9 -12.89 2.17 -10.48
N ALA A 10 -12.20 2.77 -11.42
CA ALA A 10 -10.85 2.38 -11.85
C ALA A 10 -10.02 3.59 -11.51
N VAL A 11 -8.99 3.36 -10.71
CA VAL A 11 -8.16 4.41 -10.21
C VAL A 11 -6.65 4.20 -10.50
N SER A 12 -6.07 4.99 -11.36
CA SER A 12 -4.65 4.70 -11.69
C SER A 12 -3.71 5.12 -10.60
N ARG A 13 -2.55 4.45 -10.53
CA ARG A 13 -1.52 4.77 -9.54
C ARG A 13 -0.12 4.72 -10.17
N PRO A 14 0.28 5.84 -10.72
CA PRO A 14 1.48 5.91 -11.54
C PRO A 14 2.72 5.31 -10.87
N GLY A 15 3.38 4.45 -11.61
CA GLY A 15 4.52 3.70 -11.10
C GLY A 15 4.30 2.67 -10.00
N ARG A 16 3.06 2.43 -9.58
CA ARG A 16 2.76 1.48 -8.52
C ARG A 16 1.87 0.38 -9.02
N GLY A 17 2.10 -0.03 -10.26
CA GLY A 17 1.39 -1.15 -10.81
C GLY A 17 0.11 -0.71 -11.47
N GLU A 18 -0.75 -1.67 -11.75
CA GLU A 18 -1.92 -1.37 -12.55
C GLU A 18 -3.00 -0.66 -11.72
N PRO A 19 -3.90 0.03 -12.40
CA PRO A 19 -4.96 0.65 -11.66
C PRO A 19 -5.74 -0.23 -10.75
N ARG A 20 -6.12 0.35 -9.64
CA ARG A 20 -7.05 -0.35 -8.74
C ARG A 20 -8.46 -0.35 -9.33
N PHE A 21 -9.17 -1.45 -9.18
CA PHE A 21 -10.57 -1.58 -9.68
C PHE A 21 -11.48 -2.14 -8.60
N ILE A 22 -12.54 -1.38 -8.33
CA ILE A 22 -13.61 -1.86 -7.53
C ILE A 22 -14.91 -1.86 -8.28
N ALA A 23 -15.77 -2.82 -7.92
CA ALA A 23 -17.07 -2.96 -8.51
C ALA A 23 -18.05 -3.46 -7.46
N MET A 24 -19.24 -2.91 -7.50
CA MET A 24 -20.24 -3.27 -6.50
C MET A 24 -21.63 -3.14 -7.00
N GLY A 25 -22.52 -3.90 -6.38
CA GLY A 25 -23.92 -3.84 -6.74
C GLY A 25 -24.77 -3.53 -5.56
N TYR A 26 -25.87 -2.84 -5.82
CA TYR A 26 -26.89 -2.48 -4.83
C TYR A 26 -28.32 -2.82 -5.32
N VAL A 27 -29.17 -3.23 -4.40
CA VAL A 27 -30.60 -3.11 -4.56
C VAL A 27 -31.08 -2.04 -3.56
N ASP A 28 -31.59 -0.95 -4.10
CA ASP A 28 -31.94 0.18 -3.26
C ASP A 28 -30.66 0.58 -2.53
N ASP A 29 -30.73 0.95 -1.25
CA ASP A 29 -29.53 1.38 -0.60
C ASP A 29 -28.69 0.25 -0.02
N THR A 30 -29.02 -1.02 -0.39
CA THR A 30 -28.34 -2.16 0.21
C THR A 30 -27.32 -2.80 -0.71
N GLN A 31 -26.05 -2.74 -0.32
CA GLN A 31 -24.99 -3.34 -1.14
C GLN A 31 -25.16 -4.86 -1.10
N PHE A 32 -25.01 -5.59 -2.22
CA PHE A 32 -25.15 -7.05 -2.17
C PHE A 32 -24.00 -7.84 -2.80
N VAL A 33 -23.13 -7.19 -3.58
CA VAL A 33 -21.94 -7.87 -4.16
C VAL A 33 -20.82 -6.81 -4.24
N ARG A 34 -19.61 -7.26 -4.04
CA ARG A 34 -18.44 -6.41 -4.13
C ARG A 34 -17.21 -7.14 -4.63
N PHE A 35 -16.47 -6.46 -5.49
CA PHE A 35 -15.20 -6.90 -6.01
C PHE A 35 -14.14 -5.86 -5.77
N ASP A 36 -12.93 -6.27 -5.38
CA ASP A 36 -11.82 -5.29 -5.17
C ASP A 36 -10.56 -5.90 -5.69
N SER A 37 -9.92 -5.24 -6.64
CA SER A 37 -8.69 -5.74 -7.22
C SER A 37 -7.56 -5.78 -6.11
N ASP A 38 -7.75 -5.07 -5.00
CA ASP A 38 -6.69 -5.03 -4.01
C ASP A 38 -6.79 -6.26 -3.08
N SER A 39 -7.80 -7.12 -3.29
CA SER A 39 -8.01 -8.32 -2.42
C SER A 39 -6.96 -9.41 -2.74
N ALA A 40 -6.62 -10.28 -1.78
CA ALA A 40 -5.59 -11.30 -2.02
C ALA A 40 -5.94 -12.14 -3.25
N SER A 41 -7.20 -12.56 -3.35
CA SER A 41 -7.74 -13.31 -4.49
C SER A 41 -9.03 -12.58 -4.92
N PRO A 42 -8.90 -11.66 -5.88
CA PRO A 42 -10.04 -10.87 -6.28
C PRO A 42 -11.16 -11.69 -6.83
N ARG A 43 -12.32 -11.50 -6.25
CA ARG A 43 -13.53 -12.14 -6.79
C ARG A 43 -14.73 -11.36 -6.36
N MET A 44 -15.84 -11.61 -7.04
CA MET A 44 -17.06 -10.99 -6.61
C MET A 44 -17.52 -11.78 -5.40
N GLU A 45 -17.77 -11.05 -4.31
CA GLU A 45 -18.18 -11.66 -3.03
C GLU A 45 -19.52 -11.11 -2.56
N PRO A 46 -20.27 -11.86 -1.77
CA PRO A 46 -21.58 -11.44 -1.29
C PRO A 46 -21.44 -10.42 -0.19
N ARG A 47 -22.42 -9.52 -0.11
CA ARG A 47 -22.53 -8.51 0.93
C ARG A 47 -23.89 -8.42 1.59
N ALA A 48 -24.84 -9.25 1.16
CA ALA A 48 -26.18 -9.38 1.78
C ALA A 48 -26.52 -10.84 1.84
N PRO A 49 -27.24 -11.22 2.87
CA PRO A 49 -27.58 -12.67 3.02
C PRO A 49 -28.32 -13.27 1.85
N TRP A 50 -29.20 -12.48 1.24
CA TRP A 50 -30.15 -13.01 0.27
C TRP A 50 -29.54 -13.42 -1.06
N VAL A 51 -28.31 -12.99 -1.34
CA VAL A 51 -27.61 -13.38 -2.56
C VAL A 51 -26.78 -14.66 -2.40
N GLU A 52 -26.59 -15.10 -1.18
CA GLU A 52 -25.81 -16.31 -0.90
C GLU A 52 -26.46 -17.60 -1.40
N GLN A 53 -27.75 -17.60 -1.71
CA GLN A 53 -28.35 -18.81 -2.29
C GLN A 53 -27.90 -19.00 -3.72
N GLU A 54 -27.30 -18.01 -4.37
CA GLU A 54 -26.89 -18.26 -5.75
C GLU A 54 -25.73 -19.24 -5.73
N GLY A 55 -25.68 -20.13 -6.72
CA GLY A 55 -24.63 -21.16 -6.78
C GLY A 55 -23.29 -20.73 -7.33
N PRO A 56 -22.34 -21.68 -7.33
CA PRO A 56 -20.98 -21.38 -7.77
C PRO A 56 -20.91 -20.86 -9.15
N GLU A 57 -21.77 -21.32 -10.07
CA GLU A 57 -21.76 -20.85 -11.46
C GLU A 57 -22.07 -19.36 -11.53
N TYR A 58 -22.89 -18.86 -10.61
CA TYR A 58 -23.18 -17.40 -10.56
C TYR A 58 -21.92 -16.62 -10.17
N TRP A 59 -21.26 -17.03 -9.09
CA TRP A 59 -20.15 -16.28 -8.53
C TRP A 59 -18.99 -16.34 -9.51
N GLU A 60 -18.82 -17.49 -10.17
CA GLU A 60 -17.76 -17.61 -11.14
C GLU A 60 -17.99 -16.74 -12.35
N GLU A 61 -19.23 -16.58 -12.79
CA GLU A 61 -19.49 -15.73 -13.98
C GLU A 61 -19.36 -14.27 -13.62
N GLU A 62 -19.87 -13.90 -12.45
CA GLU A 62 -19.82 -12.49 -12.02
C GLU A 62 -18.36 -12.09 -11.87
N THR A 63 -17.58 -13.01 -11.34
CA THR A 63 -16.16 -12.77 -11.18
C THR A 63 -15.44 -12.63 -12.53
N ARG A 64 -15.76 -13.51 -13.44
CA ARG A 64 -15.18 -13.53 -14.76
C ARG A 64 -15.49 -12.23 -15.53
N ASN A 65 -16.75 -11.84 -15.53
CA ASN A 65 -17.22 -10.65 -16.22
C ASN A 65 -16.63 -9.38 -15.57
N THR A 66 -16.55 -9.36 -14.25
CA THR A 66 -15.93 -8.17 -13.55
C THR A 66 -14.43 -8.05 -13.83
N LYS A 67 -13.70 -9.16 -13.89
CA LYS A 67 -12.28 -9.08 -14.29
C LYS A 67 -12.15 -8.53 -15.71
N ALA A 68 -13.04 -8.95 -16.60
CA ALA A 68 -13.03 -8.44 -17.98
C ALA A 68 -13.26 -6.94 -17.96
N HIS A 69 -14.25 -6.52 -17.19
CA HIS A 69 -14.56 -5.14 -16.99
C HIS A 69 -13.37 -4.39 -16.52
N ALA A 70 -12.69 -4.92 -15.52
CA ALA A 70 -11.47 -4.28 -14.99
C ALA A 70 -10.43 -4.07 -16.06
N GLN A 71 -10.24 -5.07 -16.89
CA GLN A 71 -9.23 -4.94 -17.93
C GLN A 71 -9.61 -3.92 -19.00
N THR A 72 -10.88 -3.87 -19.35
CA THR A 72 -11.39 -2.93 -20.30
C THR A 72 -11.25 -1.52 -19.74
N ASP A 73 -11.53 -1.35 -18.45
CA ASP A 73 -11.44 -0.01 -17.90
C ASP A 73 -10.00 0.47 -17.68
N ARG A 74 -9.08 -0.44 -17.46
CA ARG A 74 -7.67 -0.07 -17.46
C ARG A 74 -7.25 0.45 -18.84
N MET A 75 -7.73 -0.19 -19.91
CA MET A 75 -7.46 0.39 -21.26
C MET A 75 -8.13 1.71 -21.46
N ASN A 76 -9.35 1.86 -20.97
CA ASN A 76 -10.07 3.10 -21.08
C ASN A 76 -9.37 4.23 -20.38
N LEU A 77 -8.73 3.96 -19.25
CA LEU A 77 -7.91 5.04 -18.58
C LEU A 77 -6.77 5.57 -19.44
N GLN A 78 -6.15 4.63 -20.20
CA GLN A 78 -5.07 5.00 -21.10
C GLN A 78 -5.63 5.85 -22.23
N THR A 79 -6.71 5.37 -22.85
CA THR A 79 -7.34 6.16 -23.97
C THR A 79 -7.67 7.58 -23.53
N LEU A 80 -8.30 7.69 -22.37
CA LEU A 80 -8.71 9.03 -21.89
C LEU A 80 -7.56 9.96 -21.55
N ARG A 81 -6.45 9.42 -21.04
CA ARG A 81 -5.20 10.21 -20.99
C ARG A 81 -4.85 10.76 -22.36
N GLY A 82 -4.96 9.95 -23.38
CA GLY A 82 -4.73 10.46 -24.72
C GLY A 82 -5.69 11.54 -25.16
N TYR A 83 -7.00 11.33 -24.91
CA TYR A 83 -8.00 12.32 -25.34
C TYR A 83 -7.72 13.68 -24.69
N TYR A 84 -7.36 13.63 -23.43
CA TYR A 84 -7.18 14.88 -22.63
C TYR A 84 -5.74 15.39 -22.54
N ASN A 85 -4.84 14.74 -23.26
CA ASN A 85 -3.42 15.17 -23.31
C ASN A 85 -2.77 15.18 -21.95
N GLN A 86 -2.93 14.06 -21.24
CA GLN A 86 -2.41 13.95 -19.88
C GLN A 86 -1.20 13.02 -19.84
N SER A 87 -0.25 13.35 -18.99
CA SER A 87 0.97 12.62 -18.85
C SER A 87 0.76 11.39 -17.94
N GLU A 88 1.81 10.58 -17.82
CA GLU A 88 1.74 9.42 -16.94
C GLU A 88 2.01 9.82 -15.49
N ALA A 89 2.10 11.13 -15.15
CA ALA A 89 2.56 11.56 -13.84
C ALA A 89 1.48 11.42 -12.75
N SER A 90 0.21 11.63 -13.11
CA SER A 90 -0.86 11.81 -12.10
C SER A 90 -1.83 10.65 -12.15
N SER A 91 -2.52 10.47 -11.04
CA SER A 91 -3.58 9.52 -10.97
C SER A 91 -4.86 10.07 -11.53
N HIS A 92 -5.66 9.19 -12.14
CA HIS A 92 -6.98 9.53 -12.72
C HIS A 92 -8.00 8.48 -12.32
N THR A 93 -9.31 8.84 -12.35
CA THR A 93 -10.37 7.96 -11.95
C THR A 93 -11.42 7.86 -13.03
N LEU A 94 -11.85 6.65 -13.35
CA LEU A 94 -12.94 6.48 -14.33
C LEU A 94 -13.99 5.71 -13.58
N GLN A 95 -15.19 6.30 -13.50
CA GLN A 95 -16.32 5.71 -12.77
C GLN A 95 -17.44 5.36 -13.72
N TRP A 96 -18.23 4.32 -13.37
CA TRP A 96 -19.29 3.85 -14.23
C TRP A 96 -20.44 3.48 -13.35
N MET A 97 -21.64 3.59 -13.90
CA MET A 97 -22.85 3.12 -13.25
C MET A 97 -23.79 2.55 -14.32
N ILE A 98 -24.47 1.47 -14.03
CA ILE A 98 -25.58 0.95 -14.83
C ILE A 98 -26.73 0.56 -13.90
N GLY A 99 -27.94 0.66 -14.36
CA GLY A 99 -29.05 0.19 -13.53
C GLY A 99 -30.43 0.38 -14.06
N CYS A 100 -31.37 -0.15 -13.31
CA CYS A 100 -32.76 -0.11 -13.71
C CYS A 100 -33.60 0.20 -12.51
N ASP A 101 -34.63 1.02 -12.74
CA ASP A 101 -35.67 1.35 -11.80
C ASP A 101 -36.93 0.63 -12.19
N LEU A 102 -37.62 0.11 -11.18
CA LEU A 102 -39.03 -0.23 -11.26
C LEU A 102 -39.90 0.84 -10.52
N GLY A 103 -41.13 1.00 -10.95
CA GLY A 103 -42.05 1.89 -10.24
C GLY A 103 -43.06 0.87 -9.82
N SER A 104 -44.14 0.79 -10.58
CA SER A 104 -45.18 -0.21 -10.43
C SER A 104 -45.66 -0.42 -11.85
N ASP A 105 -45.30 -1.55 -12.43
CA ASP A 105 -44.69 -2.68 -11.71
C ASP A 105 -44.37 -3.72 -12.81
N GLY A 106 -43.19 -4.36 -12.74
CA GLY A 106 -42.94 -5.57 -13.49
C GLY A 106 -41.94 -5.35 -14.59
N ARG A 107 -42.14 -4.26 -15.33
CA ARG A 107 -41.21 -3.91 -16.43
C ARG A 107 -40.33 -2.72 -16.09
N LEU A 108 -39.30 -2.57 -16.89
CA LEU A 108 -38.41 -1.43 -16.74
C LEU A 108 -39.14 -0.08 -16.72
N ILE A 109 -39.05 0.70 -15.64
CA ILE A 109 -39.47 2.14 -15.67
C ILE A 109 -38.44 3.17 -16.24
N ARG A 110 -37.15 3.01 -15.93
CA ARG A 110 -36.08 3.85 -16.49
C ARG A 110 -34.78 3.00 -16.43
N GLY A 111 -33.97 3.02 -17.48
CA GLY A 111 -32.63 2.38 -17.50
C GLY A 111 -31.63 3.50 -17.54
N TYR A 112 -30.44 3.22 -17.00
CA TYR A 112 -29.32 4.15 -16.94
C TYR A 112 -28.00 3.45 -17.28
N GLU A 113 -27.10 4.14 -17.99
CA GLU A 113 -25.73 3.82 -18.01
C GLU A 113 -24.92 5.12 -18.17
N ARG A 114 -23.88 5.30 -17.34
CA ARG A 114 -23.18 6.58 -17.34
C ARG A 114 -21.75 6.28 -16.92
N TYR A 115 -20.85 7.10 -17.49
CA TYR A 115 -19.45 7.16 -17.14
C TYR A 115 -19.07 8.60 -16.69
N ALA A 116 -18.13 8.67 -15.77
CA ALA A 116 -17.46 9.92 -15.33
C ALA A 116 -15.95 9.74 -15.35
N TYR A 117 -15.27 10.81 -15.69
CA TYR A 117 -13.80 10.87 -15.68
C TYR A 117 -13.36 12.02 -14.82
N ASP A 118 -12.51 11.71 -13.86
CA ASP A 118 -11.97 12.68 -12.91
C ASP A 118 -13.04 13.53 -12.23
N GLY A 119 -14.11 12.87 -11.90
CA GLY A 119 -15.14 13.42 -11.09
C GLY A 119 -16.23 14.19 -11.82
N LYS A 120 -16.19 14.14 -13.14
CA LYS A 120 -17.15 14.88 -13.99
C LYS A 120 -17.83 13.96 -14.97
N ASP A 121 -19.13 14.16 -15.21
CA ASP A 121 -19.86 13.45 -16.24
C ASP A 121 -19.08 13.40 -17.53
N TYR A 122 -19.06 12.21 -18.12
CA TYR A 122 -18.37 11.99 -19.36
C TYR A 122 -19.30 11.59 -20.52
N LEU A 123 -19.96 10.48 -20.40
CA LEU A 123 -20.78 9.89 -21.48
C LEU A 123 -21.97 9.25 -20.75
N ALA A 124 -23.18 9.48 -21.27
CA ALA A 124 -24.32 8.80 -20.77
C ALA A 124 -25.28 8.32 -21.79
N LEU A 125 -25.87 7.16 -21.52
CA LEU A 125 -26.97 6.63 -22.35
C LEU A 125 -28.20 7.44 -22.01
N ASN A 126 -28.89 7.96 -23.03
CA ASN A 126 -30.07 8.74 -22.80
C ASN A 126 -31.25 7.89 -22.30
N GLU A 127 -32.29 8.51 -21.74
CA GLU A 127 -33.45 7.74 -21.26
C GLU A 127 -34.19 6.94 -22.35
N ASP A 128 -34.12 7.40 -23.60
CA ASP A 128 -34.60 6.66 -24.74
C ASP A 128 -33.95 5.27 -24.94
N LEU A 129 -32.82 5.04 -24.27
CA LEU A 129 -31.98 3.84 -24.47
C LEU A 129 -31.53 3.56 -25.86
N ARG A 130 -31.39 4.65 -26.62
CA ARG A 130 -31.09 4.58 -28.01
C ARG A 130 -30.00 5.55 -28.44
N SER A 131 -29.88 6.67 -27.75
CA SER A 131 -28.87 7.66 -28.05
C SER A 131 -28.00 8.01 -26.83
N TRP A 132 -26.93 8.74 -27.12
CA TRP A 132 -25.95 9.06 -26.07
C TRP A 132 -25.75 10.57 -25.93
N THR A 133 -25.46 10.97 -24.70
CA THR A 133 -25.02 12.35 -24.40
C THR A 133 -23.57 12.42 -24.02
N ALA A 134 -22.81 13.18 -24.81
CA ALA A 134 -21.38 13.36 -24.58
C ALA A 134 -21.15 14.74 -23.89
N ALA A 135 -20.29 14.79 -22.89
CA ALA A 135 -20.09 16.04 -22.14
C ALA A 135 -19.17 17.03 -22.83
N ASP A 136 -18.30 16.54 -23.73
CA ASP A 136 -17.27 17.31 -24.42
C ASP A 136 -16.79 16.62 -25.69
N THR A 137 -15.82 17.22 -26.37
CA THR A 137 -15.40 16.66 -27.67
C THR A 137 -14.68 15.34 -27.47
N ALA A 138 -14.08 15.11 -26.31
CA ALA A 138 -13.50 13.74 -26.11
C ALA A 138 -14.59 12.65 -26.00
N ALA A 139 -15.61 12.91 -25.20
CA ALA A 139 -16.72 12.02 -25.05
C ALA A 139 -17.47 11.87 -26.40
N GLN A 140 -17.45 12.89 -27.25
CA GLN A 140 -18.01 12.76 -28.59
C GLN A 140 -17.32 11.62 -29.38
N ILE A 141 -16.02 11.43 -29.18
CA ILE A 141 -15.29 10.29 -29.86
C ILE A 141 -15.90 8.97 -29.35
N SER A 142 -15.92 8.80 -28.03
CA SER A 142 -16.48 7.61 -27.41
C SER A 142 -17.92 7.35 -27.86
N LYS A 143 -18.70 8.41 -28.00
CA LYS A 143 -20.06 8.28 -28.48
C LYS A 143 -20.06 7.67 -29.90
N ARG A 144 -19.24 8.22 -30.78
CA ARG A 144 -19.17 7.75 -32.19
C ARG A 144 -18.76 6.27 -32.15
N LYS A 145 -17.88 5.92 -31.23
CA LYS A 145 -17.50 4.49 -31.14
C LYS A 145 -18.67 3.60 -30.69
N CYS A 146 -19.43 4.05 -29.68
CA CYS A 146 -20.62 3.34 -29.18
C CYS A 146 -21.66 3.21 -30.30
N GLU A 147 -21.83 4.26 -31.10
CA GLU A 147 -22.77 4.23 -32.23
C GLU A 147 -22.36 3.14 -33.27
N ALA A 148 -21.11 3.19 -33.71
CA ALA A 148 -20.60 2.19 -34.70
C ALA A 148 -20.71 0.76 -34.24
N ALA A 149 -20.55 0.52 -32.96
CA ALA A 149 -20.61 -0.81 -32.40
C ALA A 149 -21.98 -1.23 -31.95
N ASN A 150 -22.98 -0.38 -32.19
CA ASN A 150 -24.37 -0.70 -31.75
C ASN A 150 -24.50 -1.03 -30.28
N VAL A 151 -23.78 -0.28 -29.44
CA VAL A 151 -23.79 -0.51 -28.01
C VAL A 151 -25.15 -0.28 -27.38
N ALA A 152 -25.87 0.78 -27.80
CA ALA A 152 -27.15 1.11 -27.14
C ALA A 152 -28.15 -0.01 -27.22
N GLU A 153 -28.19 -0.65 -28.38
CA GLU A 153 -29.15 -1.78 -28.65
C GLU A 153 -28.81 -2.92 -27.67
N GLN A 154 -27.51 -3.18 -27.52
CA GLN A 154 -27.06 -4.21 -26.52
C GLN A 154 -27.42 -3.84 -25.10
N ARG A 155 -27.16 -2.60 -24.72
CA ARG A 155 -27.38 -2.16 -23.36
C ARG A 155 -28.89 -2.10 -23.11
N ARG A 156 -29.66 -1.66 -24.08
CA ARG A 156 -31.10 -1.69 -23.93
C ARG A 156 -31.60 -3.09 -23.66
N ALA A 157 -31.03 -4.07 -24.35
CA ALA A 157 -31.49 -5.45 -24.15
C ALA A 157 -31.20 -5.91 -22.73
N TYR A 158 -30.04 -5.56 -22.21
CA TYR A 158 -29.76 -5.90 -20.81
C TYR A 158 -30.73 -5.21 -19.87
N LEU A 159 -30.90 -3.89 -20.06
CA LEU A 159 -31.73 -3.12 -19.13
C LEU A 159 -33.16 -3.57 -19.10
N GLU A 160 -33.70 -3.86 -20.27
CA GLU A 160 -35.15 -4.21 -20.34
C GLU A 160 -35.40 -5.66 -19.95
N GLY A 161 -34.38 -6.48 -20.09
CA GLY A 161 -34.42 -7.90 -19.80
C GLY A 161 -33.77 -8.32 -18.48
N THR A 162 -32.51 -8.74 -18.61
CA THR A 162 -31.72 -9.23 -17.49
C THR A 162 -31.83 -8.39 -16.23
N CYS A 163 -31.67 -7.08 -16.34
CA CYS A 163 -31.62 -6.20 -15.17
C CYS A 163 -32.92 -6.33 -14.37
N VAL A 164 -34.08 -6.20 -15.06
CA VAL A 164 -35.39 -6.22 -14.45
C VAL A 164 -35.73 -7.62 -13.89
N GLU A 165 -35.37 -8.64 -14.62
CA GLU A 165 -35.56 -10.02 -14.20
C GLU A 165 -34.83 -10.28 -12.89
N TRP A 166 -33.56 -9.87 -12.81
CA TRP A 166 -32.81 -10.20 -11.62
C TRP A 166 -33.17 -9.28 -10.49
N LEU A 167 -33.50 -8.01 -10.76
CA LEU A 167 -33.99 -7.14 -9.64
C LEU A 167 -35.20 -7.82 -8.97
N HIS A 168 -36.17 -8.23 -9.78
CA HIS A 168 -37.37 -8.90 -9.27
C HIS A 168 -36.99 -10.07 -8.40
N ARG A 169 -36.02 -10.84 -8.86
CA ARG A 169 -35.60 -12.03 -8.08
C ARG A 169 -35.00 -11.62 -6.74
N TYR A 170 -34.10 -10.63 -6.74
CA TYR A 170 -33.42 -10.25 -5.52
C TYR A 170 -34.44 -9.67 -4.50
N LEU A 171 -35.41 -8.91 -5.02
CA LEU A 171 -36.43 -8.29 -4.16
C LEU A 171 -37.23 -9.38 -3.49
N GLU A 172 -37.52 -10.47 -4.21
CA GLU A 172 -38.24 -11.56 -3.61
C GLU A 172 -37.40 -12.34 -2.62
N ASN A 173 -36.24 -12.77 -3.08
CA ASN A 173 -35.27 -13.46 -2.22
C ASN A 173 -34.97 -12.71 -0.88
N GLY A 174 -34.84 -11.39 -0.98
CA GLY A 174 -34.47 -10.49 0.14
C GLY A 174 -35.63 -9.72 0.69
N LYS A 175 -36.84 -10.28 0.50
CA LYS A 175 -38.11 -9.58 0.72
C LYS A 175 -38.23 -9.06 2.16
N GLU A 176 -37.77 -9.85 3.11
CA GLU A 176 -37.92 -9.43 4.53
C GLU A 176 -37.07 -8.22 4.79
N MET A 177 -35.90 -8.12 4.13
CA MET A 177 -34.98 -7.01 4.35
C MET A 177 -35.30 -5.85 3.43
N LEU A 178 -35.57 -6.14 2.16
CA LEU A 178 -35.67 -5.10 1.14
C LEU A 178 -37.05 -4.45 1.00
N GLN A 179 -38.08 -5.20 1.31
CA GLN A 179 -39.45 -4.69 1.15
C GLN A 179 -40.05 -4.21 2.45
N ARG A 180 -39.21 -4.02 3.46
CA ARG A 180 -39.70 -3.53 4.73
C ARG A 180 -39.73 -1.98 4.81
N ALA A 181 -40.47 -1.45 5.78
CA ALA A 181 -40.44 -0.04 6.09
C ALA A 181 -40.35 0.10 7.61
N ASP A 182 -39.24 0.62 8.09
CA ASP A 182 -39.06 0.89 9.50
C ASP A 182 -39.19 2.39 9.66
N PRO A 183 -40.23 2.87 10.38
CA PRO A 183 -40.53 4.29 10.59
C PRO A 183 -39.48 4.91 11.45
N PRO A 184 -39.24 6.21 11.26
CA PRO A 184 -38.27 6.86 12.14
C PRO A 184 -38.81 7.08 13.51
N LYS A 185 -37.90 7.05 14.48
CA LYS A 185 -38.16 7.53 15.77
C LYS A 185 -37.79 9.03 15.73
N THR A 186 -38.67 9.90 16.22
CA THR A 186 -38.47 11.33 16.01
C THR A 186 -38.50 12.11 17.31
N HIS A 187 -37.79 13.25 17.36
CA HIS A 187 -37.92 14.16 18.53
C HIS A 187 -37.35 15.47 18.13
N VAL A 188 -37.60 16.50 18.92
CA VAL A 188 -37.04 17.80 18.61
C VAL A 188 -36.15 18.24 19.80
N THR A 189 -34.97 18.78 19.51
CA THR A 189 -34.14 19.38 20.54
C THR A 189 -34.14 20.94 20.44
N HIS A 190 -33.83 21.56 21.56
CA HIS A 190 -33.77 23.01 21.61
C HIS A 190 -32.49 23.46 22.22
N HIS A 191 -31.79 24.42 21.61
CA HIS A 191 -30.63 25.08 22.27
C HIS A 191 -30.59 26.58 22.03
N PRO A 192 -30.42 27.36 23.13
CA PRO A 192 -30.18 28.77 22.95
C PRO A 192 -29.00 29.03 22.06
N VAL A 193 -29.08 30.10 21.27
CA VAL A 193 -27.98 30.63 20.47
C VAL A 193 -28.11 32.10 20.67
N PHE A 194 -27.05 32.81 20.39
CA PHE A 194 -26.81 34.07 21.07
C PHE A 194 -27.67 35.05 20.30
N ASP A 195 -27.98 36.16 20.93
CA ASP A 195 -28.85 37.14 20.34
C ASP A 195 -30.33 36.75 20.42
N TYR A 196 -30.72 36.06 21.51
CA TYR A 196 -32.15 35.83 21.79
C TYR A 196 -32.80 35.00 20.69
N GLU A 197 -32.07 33.98 20.32
CA GLU A 197 -32.55 32.99 19.34
C GLU A 197 -32.31 31.58 19.87
N ALA A 198 -32.94 30.60 19.24
CA ALA A 198 -32.70 29.20 19.61
C ALA A 198 -32.72 28.32 18.39
N THR A 199 -31.92 27.28 18.45
CA THR A 199 -31.92 26.24 17.38
C THR A 199 -32.94 25.19 17.75
N LEU A 200 -33.87 24.93 16.83
CA LEU A 200 -34.82 23.81 16.94
C LEU A 200 -34.36 22.77 15.91
N ARG A 201 -34.03 21.63 16.41
CA ARG A 201 -33.54 20.51 15.55
C ARG A 201 -34.46 19.33 15.61
N CYS A 202 -34.94 18.95 14.46
CA CYS A 202 -35.90 17.86 14.37
C CYS A 202 -35.14 16.63 13.91
N TRP A 203 -35.18 15.54 14.69
CA TRP A 203 -34.42 14.35 14.45
C TRP A 203 -35.30 13.27 13.92
N ALA A 204 -34.77 12.49 12.98
CA ALA A 204 -35.38 11.17 12.54
C ALA A 204 -34.30 10.07 12.58
N LEU A 205 -34.56 8.98 13.31
CA LEU A 205 -33.51 8.01 13.60
C LEU A 205 -34.10 6.61 13.39
N GLY A 206 -33.28 5.70 12.91
CA GLY A 206 -33.56 4.26 12.81
C GLY A 206 -34.49 3.85 11.71
N PHE A 207 -34.54 4.61 10.62
CA PHE A 207 -35.53 4.35 9.56
C PHE A 207 -34.91 3.67 8.33
N TYR A 208 -35.77 3.03 7.55
CA TYR A 208 -35.34 2.38 6.32
C TYR A 208 -36.61 2.32 5.45
N PRO A 209 -36.50 2.65 4.17
CA PRO A 209 -35.32 2.98 3.40
C PRO A 209 -34.93 4.44 3.66
N ALA A 210 -33.90 4.87 2.95
CA ALA A 210 -33.31 6.16 3.24
C ALA A 210 -34.22 7.35 2.89
N GLU A 211 -35.13 7.20 1.92
CA GLU A 211 -36.06 8.33 1.51
C GLU A 211 -36.86 8.81 2.65
N ILE A 212 -36.82 10.14 2.90
CA ILE A 212 -37.56 10.79 3.96
C ILE A 212 -37.66 12.30 3.65
N ILE A 213 -38.72 12.95 4.11
CA ILE A 213 -38.90 14.39 3.92
C ILE A 213 -39.09 14.94 5.33
N LEU A 214 -38.18 15.83 5.70
CA LEU A 214 -38.24 16.65 6.94
C LEU A 214 -38.47 18.07 6.54
N THR A 215 -39.51 18.68 7.07
CA THR A 215 -39.83 20.03 6.70
C THR A 215 -40.16 20.82 7.97
N TRP A 216 -39.64 22.07 8.11
CA TRP A 216 -40.06 23.00 9.20
C TRP A 216 -41.12 23.96 8.68
N GLN A 217 -42.16 24.24 9.48
CA GLN A 217 -43.15 25.26 9.16
C GLN A 217 -43.17 26.28 10.24
N ARG A 218 -43.38 27.54 9.87
CA ARG A 218 -43.71 28.57 10.85
C ARG A 218 -45.16 28.93 10.55
N ASP A 219 -45.98 28.93 11.59
CA ASP A 219 -47.42 29.31 11.46
C ASP A 219 -48.03 28.50 10.34
N GLY A 220 -47.66 27.23 10.27
CA GLY A 220 -48.24 26.33 9.31
C GLY A 220 -47.78 26.52 7.88
N GLU A 221 -46.77 27.34 7.66
CA GLU A 221 -46.22 27.64 6.35
C GLU A 221 -44.79 27.07 6.22
N ASP A 222 -44.62 26.19 5.24
CA ASP A 222 -43.32 25.56 4.99
C ASP A 222 -42.22 26.63 4.96
N GLN A 223 -41.18 26.47 5.77
CA GLN A 223 -40.01 27.32 5.68
C GLN A 223 -39.08 26.60 4.74
N THR A 224 -39.05 27.09 3.51
CA THR A 224 -37.92 26.90 2.60
C THR A 224 -36.50 27.37 2.96
N GLN A 225 -36.37 28.64 3.24
CA GLN A 225 -35.11 29.25 3.38
C GLN A 225 -34.77 29.01 4.81
N ASP A 226 -33.52 29.16 5.12
CA ASP A 226 -33.13 29.15 6.48
C ASP A 226 -33.28 27.83 7.21
N VAL A 227 -33.57 26.74 6.52
CA VAL A 227 -33.53 25.46 7.19
C VAL A 227 -32.23 24.77 6.86
N GLU A 228 -31.50 24.33 7.87
CA GLU A 228 -30.34 23.49 7.65
C GLU A 228 -30.76 22.05 7.67
N LEU A 229 -30.48 21.35 6.58
CA LEU A 229 -30.89 19.93 6.45
C LEU A 229 -29.61 19.06 6.26
N VAL A 230 -29.26 18.15 7.18
CA VAL A 230 -28.06 17.34 7.00
C VAL A 230 -28.30 16.25 5.97
N GLU A 231 -27.20 15.77 5.42
CA GLU A 231 -27.23 14.66 4.56
C GLU A 231 -27.68 13.44 5.40
N THR A 232 -28.56 12.64 4.84
CA THR A 232 -28.94 11.39 5.40
C THR A 232 -27.68 10.52 5.56
N ARG A 233 -27.56 9.92 6.73
CA ARG A 233 -26.35 9.21 7.10
C ARG A 233 -26.71 7.83 7.66
N PRO A 234 -25.82 6.84 7.46
CA PRO A 234 -26.01 5.51 7.95
C PRO A 234 -25.79 5.44 9.44
N ALA A 235 -26.66 4.71 10.13
CA ALA A 235 -26.47 4.46 11.57
C ALA A 235 -25.39 3.40 11.78
N GLY A 236 -25.25 2.54 10.77
CA GLY A 236 -24.30 1.44 10.83
C GLY A 236 -24.90 0.05 11.06
N ASP A 237 -26.22 -0.02 11.22
CA ASP A 237 -26.99 -1.23 11.53
C ASP A 237 -28.02 -1.48 10.45
N GLY A 238 -27.87 -0.79 9.33
CA GLY A 238 -28.82 -0.96 8.22
C GLY A 238 -30.00 0.02 8.24
N THR A 239 -29.97 0.96 9.17
CA THR A 239 -30.96 2.02 9.19
C THR A 239 -30.26 3.38 8.97
N PHE A 240 -31.06 4.44 8.85
CA PHE A 240 -30.54 5.78 8.54
C PHE A 240 -30.98 6.83 9.60
N GLN A 241 -30.36 8.00 9.55
CA GLN A 241 -30.60 9.10 10.46
C GLN A 241 -30.59 10.38 9.60
N LYS A 242 -31.31 11.40 10.06
CA LYS A 242 -31.28 12.71 9.40
C LYS A 242 -31.82 13.69 10.43
N TRP A 243 -31.50 14.96 10.29
CA TRP A 243 -32.09 16.01 11.07
C TRP A 243 -32.25 17.27 10.20
N ALA A 244 -33.10 18.17 10.68
CA ALA A 244 -33.34 19.45 10.05
C ALA A 244 -33.44 20.42 11.18
N ALA A 245 -32.83 21.58 11.01
CA ALA A 245 -32.76 22.65 12.07
C ALA A 245 -33.09 24.04 11.55
N VAL A 246 -33.72 24.83 12.42
CA VAL A 246 -34.10 26.14 12.10
C VAL A 246 -33.74 27.01 13.31
N VAL A 247 -33.38 28.24 13.08
CA VAL A 247 -33.00 29.12 14.19
C VAL A 247 -34.12 30.11 14.33
N VAL A 248 -34.67 30.25 15.54
CA VAL A 248 -35.90 31.00 15.70
C VAL A 248 -35.78 32.01 16.85
N PRO A 249 -36.63 32.99 16.84
CA PRO A 249 -36.62 33.89 17.98
C PRO A 249 -37.00 33.19 19.30
N SER A 250 -36.27 33.47 20.38
CA SER A 250 -36.61 33.00 21.70
C SER A 250 -37.97 33.63 22.03
N GLY A 251 -38.86 32.81 22.56
CA GLY A 251 -40.24 33.17 22.81
C GLY A 251 -41.20 32.81 21.69
N GLU A 252 -40.67 32.33 20.57
CA GLU A 252 -41.52 32.03 19.38
C GLU A 252 -41.44 30.59 18.95
N GLU A 253 -40.81 29.74 19.76
CA GLU A 253 -40.56 28.36 19.41
C GLU A 253 -41.82 27.58 19.11
N GLN A 254 -42.88 27.93 19.78
CA GLN A 254 -44.18 27.21 19.64
C GLN A 254 -44.82 27.46 18.28
N ARG A 255 -44.39 28.51 17.59
CA ARG A 255 -44.93 28.78 16.24
C ARG A 255 -44.34 27.90 15.10
N TYR A 256 -43.49 26.94 15.47
CA TYR A 256 -42.74 26.08 14.53
C TYR A 256 -43.14 24.64 14.74
N THR A 257 -43.32 23.92 13.64
CA THR A 257 -43.72 22.54 13.66
C THR A 257 -42.83 21.87 12.60
N CYS A 258 -42.35 20.71 12.97
CA CYS A 258 -41.60 19.83 12.09
C CYS A 258 -42.51 18.75 11.54
N HIS A 259 -42.33 18.42 10.26
CA HIS A 259 -43.25 17.47 9.60
C HIS A 259 -42.38 16.40 8.94
N VAL A 260 -42.67 15.15 9.25
CA VAL A 260 -41.85 14.04 8.84
C VAL A 260 -42.70 13.11 7.98
N GLN A 261 -42.20 12.83 6.79
CA GLN A 261 -42.93 11.89 5.90
C GLN A 261 -41.98 10.77 5.57
N HIS A 262 -42.47 9.54 5.75
CA HIS A 262 -41.72 8.34 5.51
C HIS A 262 -42.70 7.22 5.21
N GLU A 263 -42.30 6.35 4.33
CA GLU A 263 -43.12 5.17 3.96
C GLU A 263 -43.55 4.29 5.16
N GLY A 264 -42.74 4.19 6.20
CA GLY A 264 -43.08 3.37 7.36
C GLY A 264 -44.10 3.97 8.32
N LEU A 265 -44.41 5.24 8.16
CA LEU A 265 -45.38 5.91 9.04
C LEU A 265 -46.80 5.67 8.51
N PRO A 266 -47.76 5.38 9.41
CA PRO A 266 -49.14 5.28 8.90
C PRO A 266 -49.57 6.62 8.31
N GLU A 267 -49.11 7.71 8.91
CA GLU A 267 -49.45 9.05 8.47
C GLU A 267 -48.31 10.00 8.89
N PRO A 268 -48.12 11.11 8.17
CA PRO A 268 -47.11 12.11 8.51
C PRO A 268 -47.20 12.55 9.96
N LEU A 269 -46.06 12.77 10.59
CA LEU A 269 -46.00 13.19 11.96
C LEU A 269 -45.82 14.67 11.95
N MET A 270 -46.37 15.32 12.98
CA MET A 270 -46.09 16.70 13.23
C MET A 270 -45.48 16.74 14.64
N LEU A 271 -44.42 17.51 14.80
CA LEU A 271 -43.79 17.64 16.10
C LEU A 271 -43.60 19.11 16.42
N ARG A 272 -43.79 19.50 17.68
CA ARG A 272 -43.64 20.90 18.14
C ARG A 272 -42.83 20.78 19.41
N TRP A 273 -41.85 21.67 19.63
CA TRP A 273 -41.11 21.66 20.89
C TRP A 273 -42.00 22.35 21.93
N MET B 1 -10.22 18.17 -14.49
CA MET B 1 -10.36 17.47 -13.19
C MET B 1 -11.18 18.28 -12.16
N ILE B 2 -12.03 17.60 -11.38
CA ILE B 2 -12.76 18.26 -10.28
C ILE B 2 -12.38 17.58 -8.98
N GLN B 3 -11.97 18.37 -7.98
CA GLN B 3 -11.79 17.83 -6.65
C GLN B 3 -12.82 18.37 -5.70
N ARG B 4 -13.27 17.52 -4.77
CA ARG B 4 -14.30 17.85 -3.83
C ARG B 4 -13.85 17.44 -2.45
N THR B 5 -13.97 18.36 -1.51
CA THR B 5 -13.54 18.10 -0.12
C THR B 5 -14.59 17.32 0.66
N PRO B 6 -14.18 16.50 1.65
CA PRO B 6 -15.15 15.69 2.42
C PRO B 6 -16.06 16.50 3.33
N LYS B 7 -17.35 16.12 3.32
CA LYS B 7 -18.32 16.45 4.33
C LYS B 7 -18.09 15.43 5.44
N ILE B 8 -18.29 15.83 6.70
CA ILE B 8 -17.88 14.94 7.84
C ILE B 8 -18.94 15.09 8.91
N GLN B 9 -19.50 13.96 9.37
CA GLN B 9 -20.42 13.99 10.46
C GLN B 9 -19.88 13.02 11.47
N VAL B 10 -19.87 13.44 12.76
CA VAL B 10 -19.46 12.54 13.83
C VAL B 10 -20.62 12.34 14.80
N TYR B 11 -20.96 11.11 15.10
CA TYR B 11 -22.17 10.78 15.77
C TYR B 11 -22.22 9.34 16.30
N SER B 12 -23.16 9.07 17.21
CA SER B 12 -23.26 7.72 17.75
C SER B 12 -24.40 6.99 17.09
N ARG B 13 -24.28 5.68 16.99
CA ARG B 13 -25.36 4.87 16.39
C ARG B 13 -26.72 5.01 17.10
N HIS B 14 -26.69 4.90 18.43
CA HIS B 14 -27.84 4.96 19.30
C HIS B 14 -27.70 6.17 20.15
N PRO B 15 -28.80 6.69 20.72
CA PRO B 15 -28.67 7.80 21.66
C PRO B 15 -27.65 7.56 22.76
N ALA B 16 -26.81 8.54 23.06
CA ALA B 16 -25.66 8.20 23.91
C ALA B 16 -26.10 8.19 25.33
N GLU B 17 -25.69 7.20 26.08
CA GLU B 17 -25.84 7.35 27.51
C GLU B 17 -24.60 6.86 28.21
N ASN B 18 -24.18 7.61 29.19
CA ASN B 18 -22.96 7.31 29.83
C ASN B 18 -23.00 5.92 30.41
N GLY B 19 -21.95 5.13 30.15
CA GLY B 19 -21.80 3.83 30.77
C GLY B 19 -22.39 2.71 29.95
N LYS B 20 -23.12 3.03 28.87
CA LYS B 20 -23.70 2.02 27.98
C LYS B 20 -23.00 1.94 26.64
N SER B 21 -22.70 0.72 26.21
CA SER B 21 -21.96 0.47 25.00
C SER B 21 -22.74 0.95 23.81
N ASN B 22 -21.99 1.36 22.78
CA ASN B 22 -22.58 2.08 21.65
C ASN B 22 -21.53 1.99 20.52
N PHE B 23 -21.78 2.67 19.44
CA PHE B 23 -20.83 2.78 18.34
C PHE B 23 -20.66 4.24 17.99
N LEU B 24 -19.42 4.64 17.79
CA LEU B 24 -19.01 5.98 17.34
C LEU B 24 -18.76 5.92 15.91
N ASN B 25 -19.50 6.77 15.17
CA ASN B 25 -19.42 6.86 13.75
C ASN B 25 -18.77 8.15 13.25
N CYS B 26 -17.97 8.05 12.18
CA CYS B 26 -17.57 9.22 11.42
C CYS B 26 -17.93 8.93 9.97
N TYR B 27 -18.90 9.67 9.44
CA TYR B 27 -19.34 9.46 8.04
C TYR B 27 -18.69 10.54 7.21
N VAL B 28 -17.86 10.14 6.22
CA VAL B 28 -17.12 11.03 5.41
CA VAL B 28 -17.11 11.04 5.35
C VAL B 28 -17.74 10.86 3.98
N SER B 29 -18.18 11.95 3.35
CA SER B 29 -18.96 11.81 2.11
C SER B 29 -18.70 13.02 1.22
N GLY B 30 -19.10 12.90 -0.04
CA GLY B 30 -18.96 14.07 -0.94
C GLY B 30 -17.57 14.39 -1.40
N PHE B 31 -16.63 13.44 -1.31
CA PHE B 31 -15.24 13.70 -1.69
C PHE B 31 -14.77 13.10 -2.99
N HIS B 32 -13.78 13.77 -3.58
CA HIS B 32 -13.16 13.28 -4.82
C HIS B 32 -11.81 13.95 -4.91
N PRO B 33 -10.71 13.19 -5.21
CA PRO B 33 -10.69 11.76 -5.49
C PRO B 33 -10.85 10.88 -4.22
N SER B 34 -10.65 9.55 -4.42
CA SER B 34 -11.09 8.55 -3.46
C SER B 34 -10.11 8.34 -2.31
N ASP B 35 -8.84 8.72 -2.49
CA ASP B 35 -7.84 8.47 -1.38
C ASP B 35 -8.23 9.34 -0.19
N ILE B 36 -8.33 8.80 1.03
CA ILE B 36 -8.68 9.61 2.20
C ILE B 36 -8.10 8.89 3.43
N GLU B 37 -7.81 9.63 4.49
CA GLU B 37 -7.34 9.04 5.77
C GLU B 37 -8.24 9.53 6.85
N VAL B 38 -8.70 8.64 7.70
CA VAL B 38 -9.60 9.06 8.74
C VAL B 38 -9.23 8.28 10.00
N ASP B 39 -9.09 9.00 11.10
CA ASP B 39 -8.87 8.39 12.42
C ASP B 39 -9.95 8.87 13.35
N LEU B 40 -10.34 8.02 14.30
CA LEU B 40 -11.22 8.47 15.37
C LEU B 40 -10.32 8.73 16.59
N LEU B 41 -10.64 9.78 17.33
CA LEU B 41 -9.77 10.23 18.45
C LEU B 41 -10.54 10.20 19.76
N LYS B 42 -9.87 9.77 20.86
CA LYS B 42 -10.45 9.85 22.17
C LYS B 42 -9.47 10.66 23.00
N ASN B 43 -9.96 11.74 23.56
CA ASN B 43 -9.16 12.67 24.32
C ASN B 43 -7.90 12.99 23.59
N GLY B 44 -8.00 13.10 22.26
CA GLY B 44 -6.92 13.60 21.44
C GLY B 44 -5.99 12.56 20.79
N GLU B 45 -6.14 11.29 21.17
CA GLU B 45 -5.30 10.19 20.71
C GLU B 45 -6.10 9.20 19.90
N ARG B 46 -5.48 8.70 18.86
CA ARG B 46 -6.05 7.71 17.97
C ARG B 46 -6.60 6.48 18.73
N ILE B 47 -7.77 6.07 18.28
CA ILE B 47 -8.47 4.91 18.86
C ILE B 47 -8.07 3.70 17.99
N GLU B 48 -7.75 2.60 18.70
CA GLU B 48 -7.53 1.28 18.10
C GLU B 48 -8.73 0.67 17.43
N LYS B 49 -8.50 -0.23 16.53
CA LYS B 49 -9.58 -1.09 16.05
C LYS B 49 -10.74 -0.32 15.45
N VAL B 50 -10.46 0.71 14.70
CA VAL B 50 -11.50 1.37 13.97
C VAL B 50 -11.67 0.60 12.64
N GLU B 51 -12.94 0.35 12.26
CA GLU B 51 -13.24 -0.34 11.01
C GLU B 51 -13.93 0.65 10.09
N HIS B 52 -14.06 0.28 8.84
CA HIS B 52 -14.85 1.14 7.93
C HIS B 52 -15.66 0.31 6.93
N SER B 53 -16.69 0.94 6.38
CA SER B 53 -17.54 0.32 5.38
C SER B 53 -16.81 0.31 4.09
N ASP B 54 -17.36 -0.41 3.07
CA ASP B 54 -16.75 -0.47 1.78
C ASP B 54 -16.87 0.81 1.05
N LEU B 55 -15.81 1.25 0.39
CA LEU B 55 -15.84 2.53 -0.33
C LEU B 55 -16.91 2.48 -1.42
N SER B 56 -17.69 3.54 -1.50
CA SER B 56 -18.62 3.65 -2.53
C SER B 56 -18.77 5.07 -3.01
N PHE B 57 -19.69 5.28 -3.93
CA PHE B 57 -19.96 6.62 -4.45
C PHE B 57 -21.42 6.89 -4.83
N SER B 58 -21.73 8.18 -4.77
CA SER B 58 -23.08 8.78 -4.90
C SER B 58 -23.38 9.08 -6.37
N LYS B 59 -24.60 9.58 -6.58
CA LYS B 59 -25.08 9.84 -7.90
C LYS B 59 -24.23 10.87 -8.61
N ASP B 60 -23.72 11.80 -7.83
CA ASP B 60 -22.89 12.90 -8.32
C ASP B 60 -21.41 12.51 -8.39
N TRP B 61 -21.14 11.20 -8.27
CA TRP B 61 -19.80 10.56 -8.46
C TRP B 61 -18.89 10.82 -7.29
N SER B 62 -19.39 11.45 -6.22
CA SER B 62 -18.58 11.69 -5.04
C SER B 62 -18.53 10.46 -4.13
N PHE B 63 -17.38 10.23 -3.49
CA PHE B 63 -17.20 9.02 -2.69
C PHE B 63 -17.70 9.19 -1.26
N TYR B 64 -17.96 8.05 -0.61
CA TYR B 64 -18.31 8.04 0.80
C TYR B 64 -17.99 6.75 1.49
N LEU B 65 -17.89 6.82 2.83
CA LEU B 65 -17.35 5.73 3.66
C LEU B 65 -17.81 6.04 5.07
N LEU B 66 -18.12 5.04 5.88
CA LEU B 66 -18.36 5.16 7.29
C LEU B 66 -17.25 4.48 8.06
N TYR B 67 -16.62 5.22 8.96
CA TYR B 67 -15.66 4.72 9.92
C TYR B 67 -16.39 4.58 11.26
N TYR B 68 -16.10 3.52 11.99
CA TYR B 68 -16.80 3.27 13.23
C TYR B 68 -16.00 2.42 14.17
N THR B 69 -16.37 2.55 15.42
CA THR B 69 -15.85 1.68 16.47
C THR B 69 -16.87 1.55 17.59
N GLU B 70 -16.83 0.42 18.28
CA GLU B 70 -17.61 0.23 19.49
C GLU B 70 -17.02 1.12 20.60
N PHE B 71 -17.85 1.73 21.44
CA PHE B 71 -17.38 2.55 22.53
C PHE B 71 -18.41 2.67 23.62
N THR B 72 -17.95 2.95 24.83
CA THR B 72 -18.79 3.30 25.96
C THR B 72 -18.55 4.75 26.39
N PRO B 73 -19.47 5.66 26.04
CA PRO B 73 -19.32 7.06 26.33
C PRO B 73 -19.30 7.28 27.83
N THR B 74 -18.56 8.30 28.29
CA THR B 74 -18.63 8.74 29.69
C THR B 74 -18.70 10.23 29.72
N GLU B 75 -18.92 10.80 30.91
CA GLU B 75 -19.15 12.21 31.01
C GLU B 75 -17.94 12.98 30.49
N LYS B 76 -16.77 12.61 30.93
CA LYS B 76 -15.56 13.41 30.75
C LYS B 76 -14.84 13.15 29.43
N ASP B 77 -15.15 12.08 28.74
CA ASP B 77 -14.29 11.73 27.62
C ASP B 77 -14.75 12.55 26.42
N GLU B 78 -13.81 13.06 25.62
CA GLU B 78 -14.11 13.72 24.38
C GLU B 78 -13.69 12.92 23.17
N TYR B 79 -14.54 12.90 22.14
CA TYR B 79 -14.21 12.17 20.91
C TYR B 79 -14.22 13.12 19.74
N ALA B 80 -13.51 12.69 18.69
CA ALA B 80 -13.43 13.47 17.43
C ALA B 80 -13.05 12.59 16.30
N CYS B 81 -13.18 13.13 15.08
CA CYS B 81 -12.82 12.43 13.88
C CYS B 81 -11.72 13.34 13.23
N ARG B 82 -10.64 12.73 12.78
CA ARG B 82 -9.58 13.43 12.05
C ARG B 82 -9.44 12.96 10.64
N VAL B 83 -9.56 13.88 9.67
CA VAL B 83 -9.63 13.52 8.28
C VAL B 83 -8.54 14.24 7.48
N ASN B 84 -7.83 13.53 6.61
CA ASN B 84 -6.96 14.17 5.63
C ASN B 84 -7.36 13.75 4.26
N HIS B 85 -7.18 14.67 3.32
CA HIS B 85 -7.59 14.48 1.95
C HIS B 85 -6.78 15.42 1.10
N VAL B 86 -6.63 15.13 -0.17
CA VAL B 86 -5.80 16.03 -1.00
C VAL B 86 -6.34 17.46 -1.04
N THR B 87 -7.63 17.68 -0.77
CA THR B 87 -8.26 19.01 -0.79
C THR B 87 -8.02 19.85 0.49
N LEU B 88 -7.29 19.27 1.43
CA LEU B 88 -7.02 19.87 2.71
C LEU B 88 -5.50 20.16 2.87
N SER B 89 -5.13 21.34 3.39
CA SER B 89 -3.70 21.67 3.54
C SER B 89 -3.17 21.11 4.85
N GLN B 90 -4.07 20.88 5.81
CA GLN B 90 -3.75 20.11 7.01
C GLN B 90 -4.94 19.24 7.48
N PRO B 91 -4.70 18.30 8.39
CA PRO B 91 -5.89 17.53 8.82
C PRO B 91 -7.01 18.31 9.48
N LYS B 92 -8.25 17.95 9.14
CA LYS B 92 -9.47 18.51 9.74
C LYS B 92 -9.99 17.68 10.92
N ILE B 93 -10.17 18.30 12.09
CA ILE B 93 -10.69 17.59 13.24
C ILE B 93 -12.10 18.10 13.50
N VAL B 94 -13.02 17.16 13.59
CA VAL B 94 -14.41 17.43 13.93
C VAL B 94 -14.84 16.73 15.21
N LYS B 95 -15.25 17.53 16.20
CA LYS B 95 -15.60 16.96 17.48
C LYS B 95 -16.97 16.35 17.48
N TRP B 96 -17.11 15.30 18.25
CA TRP B 96 -18.38 14.71 18.53
C TRP B 96 -19.11 15.66 19.43
N ASP B 97 -20.20 16.21 18.90
CA ASP B 97 -21.10 17.04 19.72
C ASP B 97 -22.28 16.21 20.19
N ARG B 98 -22.32 15.86 21.45
CA ARG B 98 -23.31 14.87 21.85
C ARG B 98 -24.71 15.36 22.21
N ASP B 99 -24.93 16.66 22.31
CA ASP B 99 -26.30 17.12 22.52
C ASP B 99 -26.54 18.20 21.51
N MET B 100 -26.59 17.76 20.26
CA MET B 100 -26.26 18.62 19.11
C MET B 100 -26.79 20.05 19.22
N SER C 1 35.54 -20.19 4.27
CA SER C 1 35.09 -19.45 5.51
C SER C 1 33.54 -19.18 5.50
N HIS C 2 32.80 -20.26 5.70
CA HIS C 2 31.37 -20.21 5.46
C HIS C 2 30.63 -19.69 6.65
N SER C 3 29.49 -19.09 6.37
CA SER C 3 28.69 -18.54 7.42
C SER C 3 27.19 -18.71 7.17
N MET C 4 26.43 -18.66 8.24
CA MET C 4 24.97 -18.61 8.13
C MET C 4 24.50 -17.43 8.90
N ARG C 5 23.56 -16.66 8.32
CA ARG C 5 23.06 -15.48 8.99
C ARG C 5 21.55 -15.41 8.73
N TYR C 6 20.82 -14.91 9.75
CA TYR C 6 19.44 -14.52 9.61
C TYR C 6 19.34 -13.07 9.99
N PHE C 7 18.43 -12.39 9.32
CA PHE C 7 18.23 -10.96 9.48
C PHE C 7 16.75 -10.69 9.57
N SER C 8 16.38 -9.59 10.21
CA SER C 8 15.00 -9.12 10.16
C SER C 8 14.96 -7.59 10.27
N ALA C 9 13.91 -7.04 9.69
CA ALA C 9 13.55 -5.64 9.88
C ALA C 9 12.09 -5.46 10.18
N ALA C 10 11.80 -4.63 11.17
CA ALA C 10 10.44 -4.22 11.48
C ALA C 10 10.35 -2.76 11.29
N VAL C 11 9.39 -2.29 10.47
CA VAL C 11 9.25 -0.87 10.13
C VAL C 11 7.83 -0.34 10.42
N SER C 12 7.68 0.57 11.35
CA SER C 12 6.40 1.06 11.65
C SER C 12 5.94 2.01 10.56
N ARG C 13 4.63 2.11 10.44
CA ARG C 13 4.03 2.99 9.41
C ARG C 13 2.76 3.59 9.99
N PRO C 14 2.93 4.67 10.79
CA PRO C 14 1.85 5.32 11.53
C PRO C 14 0.67 5.62 10.63
N GLY C 15 -0.50 5.20 11.09
CA GLY C 15 -1.71 5.35 10.30
C GLY C 15 -2.08 4.24 9.34
N ARG C 16 -1.07 3.49 8.87
CA ARG C 16 -1.29 2.37 7.95
C ARG C 16 -1.26 0.97 8.57
N GLY C 17 -1.73 0.80 9.79
CA GLY C 17 -1.77 -0.55 10.38
C GLY C 17 -0.45 -1.01 11.06
N GLU C 18 -0.34 -2.32 11.31
CA GLU C 18 0.83 -2.93 12.01
C GLU C 18 2.14 -2.63 11.27
N PRO C 19 3.27 -2.65 11.95
CA PRO C 19 4.56 -2.51 11.24
C PRO C 19 4.95 -3.70 10.35
N ARG C 20 5.43 -3.42 9.14
CA ARG C 20 5.93 -4.43 8.22
C ARG C 20 6.98 -5.24 8.92
N PHE C 21 7.07 -6.46 8.61
CA PHE C 21 8.14 -7.28 9.12
C PHE C 21 8.68 -8.17 8.02
N ILE C 22 9.99 -8.11 7.80
CA ILE C 22 10.66 -8.97 6.89
C ILE C 22 11.74 -9.73 7.66
N ALA C 23 11.95 -10.95 7.22
CA ALA C 23 12.94 -11.85 7.76
C ALA C 23 13.53 -12.72 6.66
N MET C 24 14.83 -12.96 6.77
CA MET C 24 15.53 -13.70 5.71
C MET C 24 16.73 -14.42 6.22
N GLY C 25 17.16 -15.44 5.47
CA GLY C 25 18.31 -16.18 5.85
C GLY C 25 19.25 -16.37 4.65
N TYR C 26 20.55 -16.35 4.91
CA TYR C 26 21.59 -16.43 3.94
C TYR C 26 22.63 -17.48 4.37
N VAL C 27 23.15 -18.29 3.41
CA VAL C 27 24.40 -18.96 3.64
C VAL C 27 25.53 -18.39 2.80
N ASP C 28 26.48 -17.66 3.39
CA ASP C 28 27.33 -16.76 2.68
C ASP C 28 26.39 -15.84 1.90
N ASP C 29 26.76 -15.46 0.69
CA ASP C 29 26.08 -14.40 -0.01
C ASP C 29 24.81 -14.90 -0.72
N THR C 30 24.35 -16.13 -0.42
CA THR C 30 23.22 -16.72 -1.14
C THR C 30 21.97 -16.70 -0.26
N GLN C 31 20.95 -15.93 -0.64
CA GLN C 31 19.71 -15.94 0.14
C GLN C 31 19.02 -17.29 -0.01
N PHE C 32 18.49 -17.86 1.07
CA PHE C 32 17.81 -19.18 0.99
C PHE C 32 16.41 -19.23 1.57
N VAL C 33 15.99 -18.28 2.41
CA VAL C 33 14.56 -18.17 2.86
C VAL C 33 14.21 -16.73 3.07
N ARG C 34 12.90 -16.44 2.96
CA ARG C 34 12.37 -15.09 3.03
C ARG C 34 10.89 -15.03 3.40
N PHE C 35 10.61 -14.24 4.44
CA PHE C 35 9.30 -13.93 4.96
C PHE C 35 9.06 -12.43 4.82
N ASP C 36 7.84 -12.10 4.39
CA ASP C 36 7.41 -10.69 4.32
C ASP C 36 5.93 -10.60 4.69
N SER C 37 5.69 -9.89 5.78
CA SER C 37 4.35 -9.61 6.28
C SER C 37 3.41 -8.91 5.27
N ASP C 38 3.98 -8.22 4.30
CA ASP C 38 3.21 -7.60 3.21
C ASP C 38 2.74 -8.60 2.11
N SER C 39 3.22 -9.84 2.13
CA SER C 39 2.63 -10.89 1.26
C SER C 39 1.15 -11.17 1.51
N ALA C 40 0.43 -11.65 0.47
CA ALA C 40 -0.97 -12.06 0.64
C ALA C 40 -1.06 -13.12 1.72
N SER C 41 -0.14 -14.06 1.72
CA SER C 41 -0.18 -15.12 2.75
C SER C 41 1.22 -15.32 3.36
N PRO C 42 1.59 -14.47 4.32
CA PRO C 42 2.90 -14.45 4.89
C PRO C 42 3.34 -15.84 5.33
N ARG C 43 4.44 -16.31 4.77
CA ARG C 43 5.05 -17.54 5.24
C ARG C 43 6.49 -17.50 4.87
N MET C 44 7.28 -18.36 5.52
CA MET C 44 8.69 -18.46 5.14
C MET C 44 8.76 -19.27 3.87
N GLU C 45 9.37 -18.67 2.84
CA GLU C 45 9.41 -19.33 1.54
C GLU C 45 10.84 -19.51 1.11
N PRO C 46 11.10 -20.52 0.27
CA PRO C 46 12.42 -20.82 -0.21
C PRO C 46 12.91 -19.77 -1.22
N ARG C 47 14.21 -19.53 -1.21
CA ARG C 47 14.85 -18.71 -2.23
C ARG C 47 16.05 -19.35 -2.93
N ALA C 48 16.40 -20.55 -2.51
CA ALA C 48 17.50 -21.29 -3.16
C ALA C 48 17.01 -22.71 -3.36
N PRO C 49 17.46 -23.34 -4.44
CA PRO C 49 16.94 -24.68 -4.77
C PRO C 49 17.19 -25.74 -3.71
N TRP C 50 18.32 -25.65 -3.04
CA TRP C 50 18.78 -26.69 -2.12
C TRP C 50 18.02 -26.74 -0.82
N VAL C 51 17.17 -25.73 -0.58
CA VAL C 51 16.32 -25.78 0.58
C VAL C 51 14.89 -26.31 0.27
N GLU C 52 14.47 -26.33 -1.00
CA GLU C 52 13.11 -26.76 -1.34
C GLU C 52 12.84 -28.23 -0.92
N GLN C 53 13.90 -29.00 -0.73
CA GLN C 53 13.79 -30.41 -0.27
C GLN C 53 13.46 -30.53 1.22
N GLU C 54 13.63 -29.48 2.01
CA GLU C 54 13.16 -29.65 3.38
C GLU C 54 11.64 -29.88 3.36
N GLY C 55 11.20 -30.65 4.32
CA GLY C 55 9.80 -31.15 4.31
C GLY C 55 8.82 -30.17 4.90
N PRO C 56 7.54 -30.49 4.80
CA PRO C 56 6.44 -29.63 5.26
C PRO C 56 6.57 -29.15 6.71
N GLU C 57 7.08 -30.03 7.60
CA GLU C 57 7.25 -29.65 8.98
C GLU C 57 8.26 -28.52 9.18
N TYR C 58 9.26 -28.49 8.31
CA TYR C 58 10.32 -27.44 8.41
C TYR C 58 9.66 -26.12 8.09
N TRP C 59 8.93 -26.08 7.00
CA TRP C 59 8.28 -24.83 6.56
C TRP C 59 7.22 -24.35 7.53
N GLU C 60 6.40 -25.26 8.07
CA GLU C 60 5.43 -24.85 9.06
C GLU C 60 6.12 -24.25 10.25
N GLU C 61 7.17 -24.89 10.74
CA GLU C 61 7.80 -24.36 11.92
C GLU C 61 8.56 -23.03 11.70
N GLU C 62 9.25 -22.92 10.58
CA GLU C 62 9.93 -21.65 10.27
C GLU C 62 8.90 -20.48 10.16
N THR C 63 7.74 -20.78 9.57
CA THR C 63 6.65 -19.80 9.50
C THR C 63 6.08 -19.41 10.88
N ARG C 64 5.70 -20.38 11.70
CA ARG C 64 5.22 -20.15 13.03
C ARG C 64 6.21 -19.30 13.85
N ASN C 65 7.45 -19.72 13.82
CA ASN C 65 8.53 -19.07 14.57
C ASN C 65 8.66 -17.62 14.10
N THR C 66 8.61 -17.36 12.78
CA THR C 66 8.81 -15.99 12.29
C THR C 66 7.60 -15.11 12.53
N LYS C 67 6.39 -15.67 12.52
CA LYS C 67 5.21 -14.92 12.87
C LYS C 67 5.31 -14.45 14.31
N ALA C 68 5.75 -15.34 15.20
CA ALA C 68 6.01 -14.99 16.62
C ALA C 68 7.05 -13.88 16.70
N HIS C 69 8.18 -14.06 16.03
CA HIS C 69 9.27 -13.06 15.89
C HIS C 69 8.71 -11.67 15.52
N ALA C 70 7.83 -11.65 14.53
CA ALA C 70 7.17 -10.38 14.07
C ALA C 70 6.43 -9.71 15.16
N GLN C 71 5.65 -10.50 15.91
CA GLN C 71 4.89 -9.92 16.99
C GLN C 71 5.85 -9.36 18.09
N THR C 72 6.90 -10.10 18.41
CA THR C 72 7.87 -9.66 19.40
C THR C 72 8.49 -8.34 18.98
N ASP C 73 8.87 -8.22 17.71
CA ASP C 73 9.52 -7.00 17.25
C ASP C 73 8.59 -5.80 17.13
N ARG C 74 7.39 -6.01 16.93
CA ARG C 74 6.38 -5.01 16.92
C ARG C 74 6.20 -4.49 18.36
N MET C 75 6.22 -5.34 19.29
CA MET C 75 6.21 -4.87 20.72
C MET C 75 7.46 -4.11 21.04
N ASN C 76 8.58 -4.58 20.53
CA ASN C 76 9.86 -3.95 20.76
C ASN C 76 9.90 -2.52 20.16
N LEU C 77 9.26 -2.30 19.00
CA LEU C 77 9.16 -0.95 18.46
C LEU C 77 8.44 -0.03 19.38
N GLN C 78 7.33 -0.53 19.97
CA GLN C 78 6.62 0.26 21.02
C GLN C 78 7.60 0.67 22.11
N THR C 79 8.19 -0.36 22.77
CA THR C 79 9.15 -0.13 23.88
C THR C 79 10.19 0.93 23.55
N LEU C 80 10.83 0.77 22.40
CA LEU C 80 11.89 1.71 22.01
C LEU C 80 11.40 3.13 21.83
N ARG C 81 10.19 3.31 21.32
CA ARG C 81 9.57 4.64 21.25
C ARG C 81 9.52 5.25 22.66
N GLY C 82 9.18 4.44 23.61
CA GLY C 82 9.12 4.87 25.02
C GLY C 82 10.46 5.24 25.52
N TYR C 83 11.43 4.36 25.30
CA TYR C 83 12.81 4.67 25.78
C TYR C 83 13.39 5.94 25.21
N TYR C 84 13.07 6.20 23.96
CA TYR C 84 13.60 7.42 23.26
C TYR C 84 12.64 8.64 23.23
N ASN C 85 11.54 8.56 23.96
CA ASN C 85 10.52 9.63 24.05
C ASN C 85 10.05 10.09 22.70
N GLN C 86 9.64 9.14 21.87
CA GLN C 86 9.17 9.45 20.53
C GLN C 86 7.68 9.28 20.44
N SER C 87 7.06 10.14 19.62
CA SER C 87 5.62 10.10 19.47
C SER C 87 5.21 8.99 18.46
N GLU C 88 3.90 8.79 18.33
CA GLU C 88 3.31 7.87 17.37
C GLU C 88 3.30 8.47 15.97
N ALA C 89 3.82 9.68 15.81
CA ALA C 89 3.76 10.41 14.49
C ALA C 89 4.65 9.81 13.38
N SER C 90 5.77 9.28 13.83
CA SER C 90 7.03 9.01 13.15
C SER C 90 7.18 7.52 12.80
N SER C 91 7.68 7.16 11.61
CA SER C 91 8.08 5.77 11.31
C SER C 91 9.46 5.49 11.89
N HIS C 92 9.61 4.29 12.44
CA HIS C 92 10.89 3.83 12.98
C HIS C 92 11.16 2.38 12.53
N THR C 93 12.44 2.02 12.60
CA THR C 93 12.95 0.72 12.11
C THR C 93 13.79 -0.02 13.14
N LEU C 94 13.48 -1.32 13.37
CA LEU C 94 14.32 -2.18 14.23
C LEU C 94 14.85 -3.27 13.32
N GLN C 95 16.17 -3.41 13.30
CA GLN C 95 16.85 -4.41 12.52
C GLN C 95 17.56 -5.38 13.49
N TRP C 96 17.75 -6.61 13.02
CA TRP C 96 18.34 -7.69 13.79
C TRP C 96 19.11 -8.56 12.90
N MET C 97 20.17 -9.14 13.43
CA MET C 97 20.96 -10.12 12.75
C MET C 97 21.47 -11.15 13.75
N ILE C 98 21.59 -12.39 13.31
CA ILE C 98 22.21 -13.48 14.12
C ILE C 98 22.99 -14.36 13.15
N GLY C 99 24.12 -14.95 13.57
CA GLY C 99 24.71 -15.96 12.74
C GLY C 99 25.98 -16.57 13.27
N CYS C 100 26.54 -17.49 12.49
CA CYS C 100 27.67 -18.29 12.94
C CYS C 100 28.62 -18.43 11.76
N ASP C 101 29.91 -18.29 12.06
CA ASP C 101 30.95 -18.44 11.04
C ASP C 101 31.63 -19.73 11.41
N LEU C 102 31.97 -20.54 10.41
CA LEU C 102 32.59 -21.85 10.65
C LEU C 102 34.10 -21.84 10.60
N GLY C 103 34.70 -22.60 11.51
CA GLY C 103 36.14 -22.76 11.52
C GLY C 103 36.51 -23.74 10.43
N SER C 104 37.66 -23.53 9.80
CA SER C 104 38.19 -24.55 8.91
C SER C 104 39.08 -25.40 9.81
N ASP C 105 38.60 -26.55 10.28
CA ASP C 105 37.24 -27.05 10.15
C ASP C 105 36.90 -27.62 11.52
N GLY C 106 35.64 -27.94 11.86
CA GLY C 106 34.38 -27.38 11.28
C GLY C 106 33.39 -26.92 12.38
N ARG C 107 33.92 -26.32 13.43
CA ARG C 107 33.13 -25.86 14.55
C ARG C 107 33.01 -24.34 14.49
N LEU C 108 32.27 -23.82 15.45
CA LEU C 108 32.02 -22.42 15.48
C LEU C 108 33.32 -21.68 15.59
N ILE C 109 33.54 -20.75 14.67
CA ILE C 109 34.64 -19.80 14.79
C ILE C 109 34.24 -18.52 15.52
N ARG C 110 33.09 -17.96 15.19
CA ARG C 110 32.56 -16.77 15.80
C ARG C 110 31.00 -16.81 15.69
N GLY C 111 30.31 -16.39 16.75
CA GLY C 111 28.86 -16.23 16.71
C GLY C 111 28.58 -14.77 16.92
N TYR C 112 27.40 -14.34 16.49
CA TYR C 112 26.98 -12.98 16.51
C TYR C 112 25.49 -12.85 16.72
N GLU C 113 25.11 -11.80 17.46
CA GLU C 113 23.76 -11.37 17.45
C GLU C 113 23.74 -9.87 17.69
N ARG C 114 23.01 -9.12 16.86
CA ARG C 114 23.05 -7.65 17.01
C ARG C 114 21.67 -7.06 16.66
N TYR C 115 21.33 -5.96 17.32
CA TYR C 115 20.15 -5.18 17.04
C TYR C 115 20.57 -3.71 16.70
N ALA C 116 19.79 -3.05 15.84
CA ALA C 116 19.94 -1.65 15.52
C ALA C 116 18.54 -0.98 15.53
N TYR C 117 18.49 0.26 15.98
CA TYR C 117 17.27 1.03 16.03
C TYR C 117 17.54 2.32 15.19
N ASP C 118 16.65 2.55 14.24
CA ASP C 118 16.81 3.66 13.28
C ASP C 118 18.18 3.71 12.63
N GLY C 119 18.67 2.55 12.27
CA GLY C 119 19.84 2.44 11.46
C GLY C 119 21.17 2.54 12.22
N LYS C 120 21.09 2.54 13.56
CA LYS C 120 22.26 2.67 14.41
C LYS C 120 22.36 1.51 15.42
N ASP C 121 23.58 1.04 15.65
CA ASP C 121 23.86 -0.01 16.61
C ASP C 121 23.09 0.28 17.91
N TYR C 122 22.45 -0.72 18.46
CA TYR C 122 21.71 -0.62 19.70
C TYR C 122 22.28 -1.57 20.77
N LEU C 123 22.21 -2.85 20.49
CA LEU C 123 22.63 -3.95 21.47
C LEU C 123 23.30 -5.04 20.67
N ALA C 124 24.39 -5.58 21.22
CA ALA C 124 25.07 -6.67 20.60
C ALA C 124 25.58 -7.68 21.61
N LEU C 125 25.49 -8.95 21.29
CA LEU C 125 26.17 -10.01 21.97
C LEU C 125 27.65 -9.96 21.66
N ASN C 126 28.50 -9.92 22.70
CA ASN C 126 29.96 -9.88 22.51
C ASN C 126 30.52 -11.20 21.99
N GLU C 127 31.75 -11.22 21.45
CA GLU C 127 32.30 -12.48 20.91
C GLU C 127 32.43 -13.59 21.91
N ASP C 128 32.53 -13.22 23.20
CA ASP C 128 32.53 -14.16 24.31
C ASP C 128 31.26 -15.00 24.43
N LEU C 129 30.22 -14.56 23.77
CA LEU C 129 28.92 -15.21 23.81
C LEU C 129 28.36 -15.27 25.22
N ARG C 130 28.77 -14.32 26.05
CA ARG C 130 28.53 -14.29 27.50
C ARG C 130 28.09 -12.91 28.01
N SER C 131 28.49 -11.85 27.33
CA SER C 131 28.17 -10.52 27.74
C SER C 131 27.67 -9.67 26.55
N TRP C 132 27.09 -8.53 26.89
CA TRP C 132 26.46 -7.58 25.92
C TRP C 132 27.12 -6.23 25.91
N THR C 133 27.12 -5.62 24.73
CA THR C 133 27.47 -4.23 24.54
C THR C 133 26.22 -3.41 24.20
N ALA C 134 25.95 -2.40 25.01
CA ALA C 134 24.81 -1.50 24.84
C ALA C 134 25.32 -0.19 24.30
N ALA C 135 24.66 0.40 23.29
CA ALA C 135 25.20 1.58 22.61
C ALA C 135 24.93 2.83 23.42
N ASP C 136 23.91 2.81 24.31
CA ASP C 136 23.48 3.99 25.07
C ASP C 136 22.64 3.58 26.27
N THR C 137 22.10 4.53 27.02
CA THR C 137 21.35 4.21 28.23
C THR C 137 20.06 3.45 27.99
N ALA C 138 19.46 3.57 26.82
CA ALA C 138 18.27 2.84 26.52
C ALA C 138 18.62 1.37 26.35
N ALA C 139 19.65 1.13 25.56
CA ALA C 139 20.11 -0.24 25.33
C ALA C 139 20.63 -0.92 26.61
N GLN C 140 21.15 -0.11 27.53
CA GLN C 140 21.55 -0.64 28.82
C GLN C 140 20.36 -1.24 29.58
N ILE C 141 19.18 -0.70 29.40
CA ILE C 141 17.94 -1.33 29.95
C ILE C 141 17.75 -2.73 29.31
N SER C 142 17.76 -2.78 28.01
CA SER C 142 17.63 -4.01 27.28
C SER C 142 18.68 -5.01 27.73
N LYS C 143 19.93 -4.57 27.87
CA LYS C 143 20.98 -5.44 28.37
C LYS C 143 20.68 -6.03 29.74
N ARG C 144 20.19 -5.20 30.64
CA ARG C 144 19.73 -5.73 31.94
C ARG C 144 18.64 -6.76 31.85
N LYS C 145 17.66 -6.54 30.99
CA LYS C 145 16.71 -7.58 30.72
C LYS C 145 17.28 -8.90 30.25
N CYS C 146 18.22 -8.84 29.28
CA CYS C 146 18.85 -10.00 28.72
C CYS C 146 19.66 -10.75 29.74
N GLU C 147 20.34 -10.01 30.62
CA GLU C 147 21.09 -10.59 31.74
C GLU C 147 20.15 -11.32 32.71
N ALA C 148 19.06 -10.64 33.11
CA ALA C 148 18.08 -11.22 34.02
C ALA C 148 17.51 -12.52 33.51
N ALA C 149 17.29 -12.60 32.22
CA ALA C 149 16.68 -13.75 31.53
C ALA C 149 17.70 -14.78 31.05
N ASN C 150 18.98 -14.56 31.34
CA ASN C 150 20.03 -15.53 30.92
C ASN C 150 19.92 -15.78 29.45
N VAL C 151 19.74 -14.67 28.70
CA VAL C 151 19.65 -14.79 27.22
C VAL C 151 20.92 -15.28 26.57
N ALA C 152 22.07 -14.77 27.00
CA ALA C 152 23.38 -15.12 26.34
C ALA C 152 23.59 -16.61 26.39
N GLU C 153 23.23 -17.25 27.50
CA GLU C 153 23.45 -18.72 27.61
C GLU C 153 22.61 -19.46 26.57
N GLN C 154 21.38 -19.00 26.39
CA GLN C 154 20.49 -19.57 25.38
C GLN C 154 21.01 -19.37 23.96
N ARG C 155 21.41 -18.14 23.68
CA ARG C 155 21.93 -17.83 22.33
C ARG C 155 23.23 -18.63 22.08
N ARG C 156 24.08 -18.76 23.07
CA ARG C 156 25.34 -19.47 22.92
C ARG C 156 25.08 -20.91 22.52
N ALA C 157 24.10 -21.51 23.14
CA ALA C 157 23.74 -22.86 22.81
C ALA C 157 23.25 -22.98 21.34
N TYR C 158 22.44 -22.02 20.90
CA TYR C 158 21.99 -21.98 19.52
C TYR C 158 23.17 -21.85 18.61
N LEU C 159 24.05 -20.92 18.89
CA LEU C 159 25.12 -20.64 17.95
C LEU C 159 26.10 -21.80 17.84
N GLU C 160 26.40 -22.41 18.95
CA GLU C 160 27.38 -23.50 19.04
C GLU C 160 26.81 -24.82 18.57
N GLY C 161 25.49 -24.94 18.56
CA GLY C 161 24.83 -26.20 18.25
C GLY C 161 24.06 -26.06 16.98
N THR C 162 22.78 -25.70 17.08
CA THR C 162 21.91 -25.70 15.90
C THR C 162 22.42 -24.91 14.70
N CYS C 163 23.03 -23.77 14.95
CA CYS C 163 23.43 -22.88 13.86
C CYS C 163 24.47 -23.62 13.00
N VAL C 164 25.49 -24.17 13.67
CA VAL C 164 26.60 -24.82 13.03
C VAL C 164 26.12 -26.12 12.37
N GLU C 165 25.28 -26.86 13.08
CA GLU C 165 24.76 -28.14 12.55
C GLU C 165 23.92 -27.94 11.28
N TRP C 166 23.03 -26.94 11.26
CA TRP C 166 22.22 -26.73 10.08
C TRP C 166 23.04 -26.06 8.95
N LEU C 167 24.04 -25.26 9.29
CA LEU C 167 24.91 -24.71 8.23
C LEU C 167 25.60 -25.86 7.50
N HIS C 168 26.11 -26.81 8.26
CA HIS C 168 26.70 -27.97 7.61
C HIS C 168 25.75 -28.69 6.70
N ARG C 169 24.51 -28.85 7.09
CA ARG C 169 23.51 -29.53 6.25
C ARG C 169 23.26 -28.80 4.95
N TYR C 170 23.01 -27.51 5.05
CA TYR C 170 22.76 -26.70 3.85
C TYR C 170 23.98 -26.69 2.89
N LEU C 171 25.17 -26.60 3.47
CA LEU C 171 26.41 -26.66 2.69
C LEU C 171 26.53 -27.98 1.92
N GLU C 172 26.14 -29.08 2.56
CA GLU C 172 26.17 -30.39 1.88
C GLU C 172 25.10 -30.43 0.78
N ASN C 173 23.86 -30.13 1.18
CA ASN C 173 22.74 -30.11 0.25
C ASN C 173 22.89 -29.18 -0.96
N GLY C 174 23.49 -28.00 -0.76
CA GLY C 174 23.75 -26.96 -1.80
C GLY C 174 25.21 -26.88 -2.23
N LYS C 175 25.90 -28.00 -2.13
CA LYS C 175 27.36 -28.07 -2.34
C LYS C 175 27.82 -27.47 -3.67
N GLU C 176 27.14 -27.82 -4.75
CA GLU C 176 27.54 -27.35 -6.05
C GLU C 176 27.39 -25.85 -6.21
N MET C 177 26.33 -25.28 -5.62
CA MET C 177 26.11 -23.83 -5.65
C MET C 177 26.97 -23.08 -4.61
N LEU C 178 27.14 -23.67 -3.44
CA LEU C 178 27.69 -22.91 -2.31
C LEU C 178 29.17 -23.08 -2.13
N GLN C 179 29.71 -24.22 -2.58
CA GLN C 179 31.11 -24.51 -2.32
C GLN C 179 31.86 -24.34 -3.65
N ARG C 180 31.48 -23.32 -4.41
CA ARG C 180 32.15 -22.99 -5.63
C ARG C 180 32.89 -21.66 -5.46
N ALA C 181 33.78 -21.42 -6.39
CA ALA C 181 34.45 -20.15 -6.45
C ALA C 181 34.59 -19.80 -7.93
N ASP C 182 33.77 -18.85 -8.38
CA ASP C 182 33.83 -18.33 -9.74
C ASP C 182 34.79 -17.13 -9.72
N PRO C 183 35.91 -17.20 -10.47
CA PRO C 183 36.94 -16.15 -10.55
C PRO C 183 36.40 -14.95 -11.35
N PRO C 184 36.90 -13.74 -11.04
CA PRO C 184 36.51 -12.61 -11.82
C PRO C 184 37.11 -12.65 -13.21
N LYS C 185 36.37 -12.09 -14.16
CA LYS C 185 36.91 -11.64 -15.43
C LYS C 185 37.24 -10.18 -15.29
N THR C 186 38.46 -9.83 -15.71
CA THR C 186 39.07 -8.56 -15.38
C THR C 186 39.57 -7.85 -16.64
N HIS C 187 39.50 -6.54 -16.59
CA HIS C 187 40.09 -5.65 -17.60
C HIS C 187 40.26 -4.25 -17.07
N VAL C 188 41.02 -3.45 -17.81
CA VAL C 188 41.30 -2.09 -17.42
C VAL C 188 40.89 -1.15 -18.55
N THR C 189 40.10 -0.14 -18.23
CA THR C 189 39.73 0.92 -19.17
C THR C 189 40.41 2.25 -18.83
N HIS C 190 40.39 3.15 -19.80
CA HIS C 190 41.14 4.39 -19.75
C HIS C 190 40.25 5.51 -20.25
N HIS C 191 40.16 6.59 -19.48
CA HIS C 191 39.35 7.74 -19.86
C HIS C 191 40.04 9.05 -19.48
N PRO C 192 40.38 9.84 -20.48
CA PRO C 192 41.08 11.12 -20.27
C PRO C 192 40.17 12.16 -19.61
N VAL C 193 40.50 12.56 -18.39
CA VAL C 193 39.73 13.57 -17.68
C VAL C 193 40.23 14.97 -18.05
N PHE C 194 39.60 15.99 -17.48
CA PHE C 194 39.99 17.36 -17.76
C PHE C 194 41.28 17.72 -17.04
N ASP C 195 42.15 18.43 -17.76
CA ASP C 195 43.47 18.90 -17.30
C ASP C 195 44.51 17.78 -17.32
N TYR C 196 44.84 17.29 -18.51
CA TYR C 196 46.00 16.42 -18.70
C TYR C 196 46.11 15.22 -17.69
N GLU C 197 44.98 14.73 -17.18
CA GLU C 197 44.90 13.56 -16.31
C GLU C 197 44.01 12.49 -16.97
N ALA C 198 43.94 11.32 -16.37
CA ALA C 198 43.19 10.21 -17.00
C ALA C 198 42.75 9.24 -15.94
N THR C 199 41.54 8.69 -16.09
CA THR C 199 41.04 7.69 -15.16
C THR C 199 41.37 6.29 -15.68
N LEU C 200 41.98 5.50 -14.82
CA LEU C 200 42.23 4.10 -15.06
C LEU C 200 41.27 3.39 -14.19
N ARG C 201 40.46 2.50 -14.77
CA ARG C 201 39.45 1.78 -14.00
C ARG C 201 39.63 0.29 -14.17
N CYS C 202 39.74 -0.41 -13.06
CA CYS C 202 40.08 -1.80 -13.03
C CYS C 202 38.76 -2.53 -12.81
N TRP C 203 38.37 -3.47 -13.66
CA TRP C 203 37.04 -4.12 -13.57
C TRP C 203 37.17 -5.54 -13.16
N ALA C 204 36.30 -6.02 -12.27
CA ALA C 204 36.18 -7.43 -11.91
C ALA C 204 34.72 -7.81 -12.11
N LEU C 205 34.46 -8.80 -12.98
CA LEU C 205 33.10 -9.24 -13.33
C LEU C 205 32.88 -10.73 -13.21
N GLY C 206 31.68 -11.09 -12.81
CA GLY C 206 31.26 -12.48 -12.82
C GLY C 206 31.81 -13.37 -11.72
N PHE C 207 32.11 -12.79 -10.57
CA PHE C 207 32.69 -13.58 -9.49
C PHE C 207 31.72 -13.95 -8.39
N TYR C 208 32.11 -15.02 -7.71
CA TYR C 208 31.36 -15.57 -6.57
C TYR C 208 32.42 -16.33 -5.75
N PRO C 209 32.43 -16.13 -4.43
CA PRO C 209 31.59 -15.23 -3.60
C PRO C 209 31.96 -13.75 -3.71
N ALA C 210 31.23 -12.90 -2.98
CA ALA C 210 31.34 -11.46 -3.16
C ALA C 210 32.69 -10.89 -2.67
N GLU C 211 33.35 -11.55 -1.74
CA GLU C 211 34.61 -11.06 -1.18
C GLU C 211 35.68 -10.98 -2.29
N ILE C 212 36.24 -9.79 -2.45
CA ILE C 212 37.29 -9.57 -3.43
C ILE C 212 38.14 -8.41 -2.95
N ILE C 213 39.38 -8.36 -3.38
CA ILE C 213 40.22 -7.19 -3.11
C ILE C 213 40.76 -6.68 -4.41
N LEU C 214 40.39 -5.43 -4.75
CA LEU C 214 40.95 -4.70 -5.89
C LEU C 214 41.85 -3.62 -5.35
N THR C 215 43.13 -3.58 -5.77
CA THR C 215 44.06 -2.57 -5.31
CA THR C 215 44.09 -2.61 -5.28
C THR C 215 44.83 -1.93 -6.47
N TRP C 216 44.95 -0.62 -6.46
CA TRP C 216 45.83 0.00 -7.49
C TRP C 216 47.18 0.19 -6.80
N GLN C 217 48.26 -0.02 -7.55
CA GLN C 217 49.63 0.26 -7.09
C GLN C 217 50.24 1.26 -8.04
N ARG C 218 51.11 2.11 -7.51
CA ARG C 218 51.96 2.94 -8.34
C ARG C 218 53.41 2.56 -7.99
N ASP C 219 54.24 2.32 -8.99
CA ASP C 219 55.61 1.91 -8.74
C ASP C 219 55.63 0.76 -7.72
N GLY C 220 54.65 -0.14 -7.83
CA GLY C 220 54.54 -1.30 -6.95
C GLY C 220 54.03 -1.04 -5.53
N GLU C 221 53.75 0.21 -5.19
CA GLU C 221 53.27 0.59 -3.87
C GLU C 221 51.73 0.73 -3.90
N ASP C 222 51.04 0.11 -2.93
CA ASP C 222 49.55 0.22 -2.84
C ASP C 222 49.18 1.68 -2.60
N GLN C 223 48.20 2.15 -3.35
CA GLN C 223 47.78 3.54 -3.28
C GLN C 223 46.49 3.52 -2.46
N THR C 224 46.53 4.22 -1.32
CA THR C 224 45.41 4.22 -0.36
C THR C 224 44.40 5.34 -0.72
N GLN C 225 44.86 6.29 -1.52
CA GLN C 225 44.17 7.54 -1.79
C GLN C 225 44.92 8.01 -3.03
N ASP C 226 44.23 8.75 -3.91
CA ASP C 226 42.78 8.62 -3.96
C ASP C 226 42.32 7.57 -4.97
N VAL C 227 41.84 6.45 -4.46
CA VAL C 227 41.31 5.37 -5.28
C VAL C 227 39.83 5.29 -5.01
N GLU C 228 39.02 5.34 -6.06
CA GLU C 228 37.59 5.33 -5.94
C GLU C 228 37.19 3.89 -6.06
N LEU C 229 36.54 3.34 -5.04
CA LEU C 229 36.20 1.91 -5.01
C LEU C 229 34.74 1.71 -4.84
N VAL C 230 34.04 1.26 -5.89
CA VAL C 230 32.61 1.15 -5.77
C VAL C 230 32.21 -0.02 -4.94
N GLU C 231 31.00 0.11 -4.37
CA GLU C 231 30.40 -0.97 -3.71
C GLU C 231 30.20 -2.18 -4.64
N THR C 232 30.59 -3.35 -4.13
CA THR C 232 30.42 -4.60 -4.87
C THR C 232 28.94 -4.76 -5.14
N ARG C 233 28.57 -5.09 -6.38
CA ARG C 233 27.18 -5.05 -6.82
C ARG C 233 26.79 -6.38 -7.43
N PRO C 234 25.51 -6.81 -7.33
CA PRO C 234 25.09 -8.05 -7.94
C PRO C 234 24.87 -7.87 -9.45
N ALA C 235 25.28 -8.87 -10.19
CA ALA C 235 25.00 -8.85 -11.65
C ALA C 235 23.57 -9.29 -11.95
N GLY C 236 22.98 -10.01 -11.00
CA GLY C 236 21.58 -10.47 -11.09
C GLY C 236 21.46 -11.94 -11.42
N ASP C 237 22.56 -12.60 -11.70
CA ASP C 237 22.61 -14.02 -12.02
C ASP C 237 23.32 -14.86 -10.94
N GLY C 238 23.54 -14.29 -9.77
CA GLY C 238 24.24 -14.99 -8.70
C GLY C 238 25.73 -14.64 -8.60
N THR C 239 26.23 -13.87 -9.55
CA THR C 239 27.60 -13.35 -9.45
C THR C 239 27.65 -11.86 -9.16
N PHE C 240 28.86 -11.35 -8.89
CA PHE C 240 29.08 -9.96 -8.48
C PHE C 240 30.03 -9.26 -9.44
N GLN C 241 30.07 -7.94 -9.33
CA GLN C 241 30.92 -7.08 -10.15
C GLN C 241 31.44 -6.00 -9.22
N LYS C 242 32.62 -5.47 -9.53
CA LYS C 242 33.22 -4.36 -8.77
C LYS C 242 34.21 -3.67 -9.68
N TRP C 243 34.48 -2.40 -9.40
CA TRP C 243 35.59 -1.74 -10.06
C TRP C 243 36.31 -0.80 -9.10
N ALA C 244 37.55 -0.49 -9.44
CA ALA C 244 38.35 0.48 -8.67
C ALA C 244 38.99 1.44 -9.67
N ALA C 245 38.98 2.73 -9.39
CA ALA C 245 39.53 3.74 -10.32
C ALA C 245 40.50 4.68 -9.63
N VAL C 246 41.50 5.08 -10.39
CA VAL C 246 42.48 6.06 -9.96
C VAL C 246 42.61 7.09 -11.07
N VAL C 247 42.82 8.36 -10.70
CA VAL C 247 43.13 9.44 -11.67
C VAL C 247 44.64 9.73 -11.63
N VAL C 248 45.28 9.64 -12.80
CA VAL C 248 46.72 9.64 -12.93
C VAL C 248 47.10 10.76 -13.91
N PRO C 249 48.32 11.24 -13.83
CA PRO C 249 48.67 12.22 -14.77
C PRO C 249 48.81 11.63 -16.16
N SER C 250 48.41 12.39 -17.18
CA SER C 250 48.61 11.95 -18.55
C SER C 250 50.04 11.57 -18.86
N GLY C 251 50.18 10.39 -19.43
CA GLY C 251 51.47 9.87 -19.78
C GLY C 251 52.18 9.09 -18.68
N GLU C 252 51.66 9.07 -17.46
CA GLU C 252 52.21 8.22 -16.40
C GLU C 252 51.45 6.89 -16.20
N GLU C 253 50.55 6.53 -17.10
CA GLU C 253 49.66 5.41 -16.89
C GLU C 253 50.43 4.13 -16.60
N GLN C 254 51.60 3.97 -17.21
CA GLN C 254 52.33 2.67 -17.07
C GLN C 254 53.06 2.56 -15.72
N ARG C 255 52.97 3.60 -14.88
CA ARG C 255 53.45 3.45 -13.51
C ARG C 255 52.47 2.67 -12.68
N TYR C 256 51.24 2.52 -13.20
CA TYR C 256 50.15 1.95 -12.40
C TYR C 256 49.77 0.50 -12.78
N THR C 257 49.52 -0.32 -11.77
CA THR C 257 49.04 -1.67 -11.97
C THR C 257 47.89 -2.02 -10.99
N CYS C 258 46.92 -2.76 -11.49
CA CYS C 258 45.80 -3.19 -10.65
C CYS C 258 46.07 -4.60 -10.16
N HIS C 259 45.87 -4.86 -8.87
CA HIS C 259 46.09 -6.20 -8.30
C HIS C 259 44.75 -6.77 -7.80
N VAL C 260 44.38 -7.97 -8.26
CA VAL C 260 43.12 -8.59 -7.94
C VAL C 260 43.34 -9.87 -7.17
N GLN C 261 42.70 -9.98 -6.02
CA GLN C 261 42.72 -11.20 -5.23
C GLN C 261 41.29 -11.65 -5.01
N HIS C 262 41.09 -12.96 -5.22
CA HIS C 262 39.81 -13.64 -5.09
C HIS C 262 40.04 -15.15 -4.89
N GLU C 263 39.18 -15.78 -4.07
CA GLU C 263 39.24 -17.23 -3.79
C GLU C 263 39.35 -18.10 -5.06
N GLY C 264 38.74 -17.65 -6.14
CA GLY C 264 38.64 -18.41 -7.37
C GLY C 264 39.87 -18.31 -8.26
N LEU C 265 40.75 -17.37 -7.93
CA LEU C 265 41.92 -17.15 -8.76
C LEU C 265 43.03 -18.13 -8.36
N PRO C 266 43.54 -18.92 -9.33
CA PRO C 266 44.76 -19.72 -9.13
C PRO C 266 45.81 -18.94 -8.36
N GLU C 267 46.07 -17.69 -8.76
CA GLU C 267 46.86 -16.75 -7.93
C GLU C 267 46.52 -15.29 -8.27
N PRO C 268 46.90 -14.34 -7.39
CA PRO C 268 46.49 -12.93 -7.63
C PRO C 268 46.92 -12.47 -9.03
N LEU C 269 46.10 -11.61 -9.65
CA LEU C 269 46.39 -11.11 -10.98
C LEU C 269 46.95 -9.76 -10.83
N MET C 270 47.71 -9.36 -11.83
CA MET C 270 48.29 -8.05 -11.91
C MET C 270 47.94 -7.62 -13.30
N LEU C 271 47.25 -6.50 -13.41
CA LEU C 271 46.77 -5.99 -14.66
C LEU C 271 47.28 -4.60 -14.93
N ARG C 272 47.40 -4.25 -16.20
CA ARG C 272 47.81 -2.90 -16.63
C ARG C 272 46.90 -2.40 -17.73
N TRP C 273 46.84 -1.10 -17.93
CA TRP C 273 46.21 -0.58 -19.12
C TRP C 273 46.97 -1.02 -20.37
N MET D 1 16.73 11.28 13.74
CA MET D 1 17.33 10.09 13.04
C MET D 1 18.34 10.56 12.01
N ILE D 2 19.41 9.77 11.85
CA ILE D 2 20.32 9.99 10.73
C ILE D 2 19.75 9.23 9.52
N GLN D 3 19.56 9.94 8.45
CA GLN D 3 19.10 9.30 7.26
C GLN D 3 20.31 9.29 6.36
N ARG D 4 20.36 8.31 5.47
CA ARG D 4 21.48 8.09 4.60
C ARG D 4 20.98 7.98 3.17
N THR D 5 21.60 8.73 2.28
CA THR D 5 21.15 8.82 0.88
C THR D 5 21.55 7.63 0.00
N PRO D 6 20.69 7.23 -0.96
CA PRO D 6 21.10 6.09 -1.75
C PRO D 6 22.33 6.35 -2.66
N LYS D 7 23.18 5.35 -2.77
CA LYS D 7 24.21 5.27 -3.79
C LYS D 7 23.59 4.55 -4.96
N ILE D 8 23.79 5.01 -6.19
CA ILE D 8 23.03 4.45 -7.32
C ILE D 8 24.03 3.99 -8.40
N GLN D 9 23.93 2.76 -8.87
CA GLN D 9 24.76 2.26 -9.97
C GLN D 9 23.87 1.72 -11.04
N VAL D 10 24.12 2.12 -12.30
CA VAL D 10 23.31 1.69 -13.45
C VAL D 10 24.23 0.97 -14.40
N TYR D 11 23.86 -0.26 -14.74
CA TYR D 11 24.79 -1.13 -15.49
C TYR D 11 24.14 -2.33 -16.13
N SER D 12 24.80 -2.97 -17.08
CA SER D 12 24.21 -4.21 -17.61
C SER D 12 24.78 -5.45 -16.94
N ARG D 13 24.06 -6.54 -17.04
CA ARG D 13 24.46 -7.79 -16.42
C ARG D 13 25.67 -8.29 -17.15
N HIS D 14 25.66 -8.24 -18.48
CA HIS D 14 26.77 -8.74 -19.29
C HIS D 14 27.31 -7.60 -20.11
N PRO D 15 28.54 -7.73 -20.59
CA PRO D 15 28.97 -6.70 -21.52
C PRO D 15 27.99 -6.37 -22.62
N ALA D 16 27.73 -5.09 -22.82
CA ALA D 16 26.69 -4.69 -23.76
C ALA D 16 27.12 -4.86 -25.19
N GLU D 17 26.30 -5.52 -25.97
CA GLU D 17 26.50 -5.61 -27.40
C GLU D 17 25.20 -5.24 -28.09
N ASN D 18 25.25 -4.24 -28.96
CA ASN D 18 24.06 -3.80 -29.67
C ASN D 18 23.34 -4.93 -30.38
N GLY D 19 22.02 -4.99 -30.23
CA GLY D 19 21.28 -6.01 -30.89
C GLY D 19 21.25 -7.32 -30.11
N LYS D 20 21.99 -7.45 -29.00
CA LYS D 20 21.94 -8.70 -28.22
C LYS D 20 21.26 -8.53 -26.88
N SER D 21 20.35 -9.46 -26.56
CA SER D 21 19.59 -9.42 -25.33
C SER D 21 20.47 -9.44 -24.05
N ASN D 22 20.03 -8.74 -23.01
CA ASN D 22 20.91 -8.52 -21.83
C ASN D 22 19.91 -8.17 -20.72
N PHE D 23 20.42 -7.68 -19.59
CA PHE D 23 19.65 -7.13 -18.52
C PHE D 23 20.25 -5.78 -18.09
N LEU D 24 19.34 -4.84 -17.83
CA LEU D 24 19.61 -3.51 -17.38
C LEU D 24 19.33 -3.49 -15.90
N ASN D 25 20.40 -3.13 -15.16
CA ASN D 25 20.35 -3.09 -13.71
C ASN D 25 20.47 -1.70 -13.10
N CYS D 26 19.78 -1.48 -12.00
CA CYS D 26 20.00 -0.30 -11.17
C CYS D 26 20.07 -0.79 -9.74
N TYR D 27 21.26 -0.68 -9.14
CA TYR D 27 21.55 -1.13 -7.80
C TYR D 27 21.54 0.10 -6.92
N VAL D 28 20.63 0.10 -5.93
CA VAL D 28 20.49 1.21 -5.05
CA VAL D 28 20.45 1.22 -5.01
C VAL D 28 20.90 0.66 -3.67
N SER D 29 21.84 1.32 -3.03
CA SER D 29 22.41 0.82 -1.79
C SER D 29 22.76 1.92 -0.84
N GLY D 30 23.09 1.53 0.39
CA GLY D 30 23.58 2.48 1.39
C GLY D 30 22.55 3.46 1.94
N PHE D 31 21.27 3.15 1.81
CA PHE D 31 20.22 4.11 2.20
C PHE D 31 19.47 3.74 3.49
N HIS D 32 18.88 4.75 4.14
CA HIS D 32 18.10 4.55 5.33
C HIS D 32 17.27 5.84 5.51
N PRO D 33 15.97 5.77 5.75
CA PRO D 33 15.18 4.56 5.90
C PRO D 33 14.87 3.80 4.61
N SER D 34 14.05 2.78 4.74
CA SER D 34 13.91 1.74 3.70
C SER D 34 12.98 2.10 2.57
N ASP D 35 12.06 3.03 2.75
CA ASP D 35 11.19 3.43 1.64
C ASP D 35 12.00 4.10 0.51
N ILE D 36 11.76 3.68 -0.76
CA ILE D 36 12.55 4.18 -1.90
C ILE D 36 11.69 3.97 -3.14
N GLU D 37 11.77 4.90 -4.09
CA GLU D 37 11.11 4.71 -5.36
C GLU D 37 12.16 4.62 -6.45
N VAL D 38 12.04 3.62 -7.32
CA VAL D 38 13.05 3.44 -8.38
C VAL D 38 12.33 3.10 -9.66
N ASP D 39 12.66 3.85 -10.72
CA ASP D 39 12.22 3.56 -12.08
C ASP D 39 13.41 3.46 -13.04
N LEU D 40 13.36 2.52 -13.99
CA LEU D 40 14.30 2.46 -15.11
C LEU D 40 13.66 3.19 -16.27
N LEU D 41 14.41 4.06 -16.90
CA LEU D 41 13.91 4.89 -18.02
C LEU D 41 14.57 4.50 -19.34
N LYS D 42 13.79 4.51 -20.43
CA LYS D 42 14.33 4.40 -21.75
C LYS D 42 13.86 5.62 -22.54
N ASN D 43 14.80 6.33 -23.07
CA ASN D 43 14.59 7.61 -23.76
C ASN D 43 13.68 8.52 -22.93
N GLY D 44 13.92 8.52 -21.63
CA GLY D 44 13.19 9.40 -20.75
C GLY D 44 11.89 8.92 -20.18
N GLU D 45 11.35 7.80 -20.64
CA GLU D 45 10.09 7.30 -20.12
C GLU D 45 10.27 5.96 -19.41
N ARG D 46 9.43 5.72 -18.41
CA ARG D 46 9.41 4.53 -17.62
C ARG D 46 9.39 3.28 -18.49
N ILE D 47 10.22 2.33 -18.14
CA ILE D 47 10.20 1.02 -18.77
C ILE D 47 9.19 0.11 -18.03
N GLU D 48 8.37 -0.64 -18.81
CA GLU D 48 7.49 -1.74 -18.30
C GLU D 48 8.16 -2.98 -17.65
N LYS D 49 7.49 -3.65 -16.75
CA LYS D 49 7.92 -4.98 -16.32
C LYS D 49 9.30 -4.96 -15.68
N VAL D 50 9.58 -3.90 -14.96
CA VAL D 50 10.82 -3.81 -14.14
C VAL D 50 10.55 -4.55 -12.86
N GLU D 51 11.45 -5.45 -12.49
CA GLU D 51 11.32 -6.25 -11.28
C GLU D 51 12.42 -5.79 -10.28
N HIS D 52 12.34 -6.27 -9.04
CA HIS D 52 13.39 -5.95 -8.07
C HIS D 52 13.64 -7.15 -7.15
N SER D 53 14.80 -7.11 -6.51
CA SER D 53 15.24 -8.12 -5.54
C SER D 53 14.50 -7.91 -4.25
N ASP D 54 14.60 -8.89 -3.36
CA ASP D 54 14.04 -8.74 -2.06
C ASP D 54 14.86 -7.69 -1.27
N LEU D 55 14.19 -6.80 -0.56
CA LEU D 55 14.85 -5.73 0.23
C LEU D 55 15.74 -6.41 1.25
N SER D 56 16.96 -5.90 1.38
CA SER D 56 17.87 -6.46 2.37
C SER D 56 18.77 -5.37 2.90
N PHE D 57 19.70 -5.72 3.78
CA PHE D 57 20.55 -4.71 4.39
C PHE D 57 21.98 -5.19 4.69
N SER D 58 22.88 -4.20 4.74
CA SER D 58 24.32 -4.46 4.85
C SER D 58 24.77 -4.45 6.31
N LYS D 59 26.06 -4.71 6.53
CA LYS D 59 26.57 -4.78 7.89
C LYS D 59 26.36 -3.50 8.68
N ASP D 60 26.45 -2.37 8.01
CA ASP D 60 26.18 -1.06 8.62
C ASP D 60 24.74 -0.69 8.73
N TRP D 61 23.87 -1.68 8.44
CA TRP D 61 22.41 -1.59 8.63
C TRP D 61 21.74 -0.78 7.50
N SER D 62 22.51 -0.28 6.51
CA SER D 62 21.90 0.39 5.37
C SER D 62 21.22 -0.58 4.41
N PHE D 63 20.14 -0.14 3.76
CA PHE D 63 19.40 -1.00 2.87
C PHE D 63 19.97 -1.02 1.42
N TYR D 64 19.59 -2.07 0.70
CA TYR D 64 19.92 -2.17 -0.73
C TYR D 64 18.88 -3.01 -1.48
N LEU D 65 18.72 -2.67 -2.76
CA LEU D 65 17.83 -3.35 -3.70
C LEU D 65 18.48 -3.32 -5.11
N LEU D 66 18.17 -4.33 -5.91
CA LEU D 66 18.49 -4.36 -7.31
C LEU D 66 17.16 -4.30 -8.07
N TYR D 67 17.03 -3.30 -8.94
CA TYR D 67 15.98 -3.24 -9.88
C TYR D 67 16.54 -3.64 -11.27
N TYR D 68 15.74 -4.39 -12.05
CA TYR D 68 16.29 -4.94 -13.31
C TYR D 68 15.18 -5.20 -14.32
N THR D 69 15.59 -5.25 -15.57
CA THR D 69 14.69 -5.57 -16.68
C THR D 69 15.52 -6.17 -17.82
N GLU D 70 14.90 -7.08 -18.59
CA GLU D 70 15.53 -7.61 -19.84
C GLU D 70 15.50 -6.49 -20.84
N PHE D 71 16.57 -6.32 -21.62
CA PHE D 71 16.57 -5.27 -22.67
C PHE D 71 17.53 -5.70 -23.73
N THR D 72 17.35 -5.16 -24.92
CA THR D 72 18.29 -5.29 -26.02
C THR D 72 18.82 -3.88 -26.34
N PRO D 73 20.10 -3.59 -25.96
CA PRO D 73 20.64 -2.28 -26.19
C PRO D 73 20.84 -2.05 -27.67
N THR D 74 20.70 -0.79 -28.09
CA THR D 74 21.05 -0.40 -29.45
C THR D 74 21.98 0.83 -29.36
N GLU D 75 22.55 1.24 -30.48
CA GLU D 75 23.39 2.42 -30.52
C GLU D 75 22.70 3.68 -30.00
N LYS D 76 21.45 3.89 -30.39
CA LYS D 76 20.81 5.19 -30.18
C LYS D 76 20.07 5.37 -28.85
N ASP D 77 19.66 4.27 -28.24
CA ASP D 77 18.72 4.39 -27.14
C ASP D 77 19.50 4.77 -25.91
N GLU D 78 18.90 5.62 -25.09
CA GLU D 78 19.50 6.07 -23.85
C GLU D 78 18.71 5.54 -22.65
N TYR D 79 19.44 4.99 -21.67
CA TYR D 79 18.84 4.39 -20.51
C TYR D 79 19.33 5.10 -19.25
N ALA D 80 18.50 5.10 -18.22
CA ALA D 80 18.80 5.81 -16.96
C ALA D 80 17.99 5.19 -15.85
N CYS D 81 18.34 5.50 -14.61
CA CYS D 81 17.57 5.03 -13.47
C CYS D 81 17.11 6.30 -12.78
N ARG D 82 15.88 6.38 -12.25
CA ARG D 82 15.44 7.53 -11.56
C ARG D 82 15.03 7.08 -10.16
N VAL D 83 15.58 7.76 -9.13
CA VAL D 83 15.46 7.35 -7.73
C VAL D 83 14.95 8.53 -6.88
N ASN D 84 13.97 8.22 -6.04
CA ASN D 84 13.45 9.16 -5.01
C ASN D 84 13.54 8.52 -3.64
N HIS D 85 13.86 9.33 -2.65
CA HIS D 85 14.07 8.90 -1.28
C HIS D 85 13.88 10.12 -0.44
N VAL D 86 13.50 9.92 0.83
CA VAL D 86 13.31 11.06 1.73
C VAL D 86 14.54 12.01 1.80
N THR D 87 15.76 11.50 1.59
CA THR D 87 16.98 12.33 1.62
C THR D 87 17.20 13.21 0.40
N LEU D 88 16.35 13.06 -0.60
CA LEU D 88 16.50 13.81 -1.87
C LEU D 88 15.41 14.85 -2.01
N SER D 89 15.77 16.05 -2.45
CA SER D 89 14.78 17.09 -2.65
C SER D 89 14.04 16.89 -3.97
N GLN D 90 14.71 16.25 -4.94
CA GLN D 90 14.02 15.91 -6.15
C GLN D 90 14.56 14.54 -6.60
N PRO D 91 13.82 13.85 -7.47
CA PRO D 91 14.38 12.59 -8.00
C PRO D 91 15.77 12.75 -8.59
N LYS D 92 16.61 11.74 -8.36
CA LYS D 92 17.97 11.72 -8.92
C LYS D 92 17.98 10.82 -10.15
N ILE D 93 18.42 11.35 -11.31
CA ILE D 93 18.50 10.52 -12.51
C ILE D 93 19.97 10.23 -12.80
N VAL D 94 20.32 8.96 -12.91
CA VAL D 94 21.67 8.50 -13.27
C VAL D 94 21.60 7.74 -14.59
N LYS D 95 22.41 8.17 -15.57
CA LYS D 95 22.37 7.63 -16.90
C LYS D 95 23.26 6.41 -16.96
N TRP D 96 22.82 5.42 -17.71
CA TRP D 96 23.71 4.32 -18.07
C TRP D 96 24.82 4.84 -18.93
N ASP D 97 26.02 4.72 -18.38
CA ASP D 97 27.25 5.05 -19.14
C ASP D 97 27.93 3.77 -19.56
N ARG D 98 27.75 3.36 -20.82
CA ARG D 98 28.50 2.24 -21.31
C ARG D 98 29.85 2.94 -21.46
N ASP D 99 30.88 2.20 -21.72
CA ASP D 99 32.21 2.83 -21.77
C ASP D 99 32.80 3.25 -20.42
N MET D 100 32.18 2.99 -19.27
CA MET D 100 32.95 3.09 -18.02
C MET D 100 33.95 1.94 -17.97
N LYS E 1 -27.73 -9.33 -11.48
CA LYS E 1 -26.66 -9.92 -12.33
C LYS E 1 -26.08 -8.81 -13.25
N LEU E 2 -24.73 -8.80 -13.34
CA LEU E 2 -24.06 -7.82 -14.19
C LEU E 2 -24.25 -8.10 -15.67
N PRO E 3 -24.07 -7.02 -16.48
CA PRO E 3 -24.03 -7.29 -17.90
C PRO E 3 -22.79 -8.09 -18.29
N ALA E 4 -22.87 -8.76 -19.44
CA ALA E 4 -21.79 -9.64 -19.87
C ALA E 4 -20.76 -8.90 -20.70
N GLN E 5 -21.08 -7.73 -21.20
CA GLN E 5 -20.17 -7.03 -22.05
C GLN E 5 -19.91 -5.63 -21.51
N PHE E 6 -18.71 -5.12 -21.77
CA PHE E 6 -18.24 -3.83 -21.32
C PHE E 6 -17.48 -3.28 -22.50
N TYR E 7 -17.56 -1.98 -22.68
CA TYR E 7 -17.25 -1.36 -23.93
C TYR E 7 -16.11 -0.36 -23.86
N ILE E 8 -15.57 -0.08 -25.02
CA ILE E 8 -14.36 0.70 -25.13
C ILE E 8 -14.69 2.17 -25.46
N LEU E 9 -14.16 3.09 -24.66
CA LEU E 9 -14.28 4.52 -24.87
C LEU E 9 -13.33 5.10 -25.88
N LYS F 1 18.44 -23.19 9.99
CA LYS F 1 17.25 -23.18 10.83
C LYS F 1 17.29 -22.05 11.84
N LEU F 2 16.16 -21.38 12.03
CA LEU F 2 16.12 -20.24 12.95
C LEU F 2 16.25 -20.68 14.37
N PRO F 3 16.69 -19.77 15.25
CA PRO F 3 16.60 -20.09 16.69
C PRO F 3 15.14 -20.12 17.16
N ALA F 4 14.85 -20.81 18.25
CA ALA F 4 13.50 -20.93 18.75
C ALA F 4 12.92 -19.73 19.46
N GLN F 5 13.76 -18.88 19.98
CA GLN F 5 13.37 -17.76 20.88
C GLN F 5 13.82 -16.45 20.27
N PHE F 6 13.04 -15.40 20.51
CA PHE F 6 13.34 -14.01 20.25
C PHE F 6 12.93 -13.25 21.48
N TYR F 7 13.69 -12.17 21.74
CA TYR F 7 13.68 -11.57 22.99
C TYR F 7 13.08 -10.17 22.98
N ILE F 8 12.82 -9.74 24.17
CA ILE F 8 12.09 -8.47 24.50
C ILE F 8 13.10 -7.48 25.03
N LEU F 9 13.30 -6.43 24.28
CA LEU F 9 14.22 -5.33 24.57
C LEU F 9 13.60 -4.38 25.62
CO CO G . -9.02 0.19 4.95
CO CO H . 7.75 -3.89 -4.93
#